data_4AU0
#
_entry.id   4AU0
#
_cell.length_a   48.980
_cell.length_b   52.480
_cell.length_c   66.450
_cell.angle_alpha   76.66
_cell.angle_beta   79.02
_cell.angle_gamma   76.02
#
_symmetry.space_group_name_H-M   'P 1'
#
loop_
_entity.id
_entity.type
_entity.pdbx_description
1 polymer 'EXOGLUCANASE 2'
2 branched beta-D-glucopyranose-(1-4)-beta-D-glucopyranose
3 non-polymer 2-acetamido-2-deoxy-beta-D-glucopyranose
4 non-polymer alpha-D-mannopyranose
5 non-polymer 6-chloro-7-hydroxy-4-methyl-2H-chromen-2-one
6 non-polymer beta-D-glucopyranose
7 water water
#
_entity_poly.entity_id   1
_entity_poly.type   'polypeptide(L)'
_entity_poly.pdbx_seq_one_letter_code
;TATYSGNPFVGVTPWANAYYASEVSSLAIPSLTGAMATAAAAVAKVPSFMWLDTLDKTPLMEQTLADIRTANKNGGNYAG
QFVVYDLPDRDCAALASNGEYSIADGGVAKYKNYIDTIRQIVVEYSDIRTLLVIEPASLANLVTNLGTPKCANAQSAYLE
CINYAVTQLNLPNVAMYLDAGHAGWLGWPANQDPAAQLFANVYKNASSPRALRGLATNVANYNGWNITSPPSYTQGNAVY
NEKLYIHAIGPLLANHGWSNAFFITDQGRSGKQPTGQQQWGDWCNVIGTGFGIRPSANTGDSLLDSFVWVKPGGECDGTS
DSSAPRFDSHCALPDALQPAPQAGAWFQAYFVQLLTNANPSFL
;
_entity_poly.pdbx_strand_id   A,B
#
loop_
_chem_comp.id
_chem_comp.type
_chem_comp.name
_chem_comp.formula
BGC D-saccharide, beta linking beta-D-glucopyranose 'C6 H12 O6'
MAN D-saccharide, alpha linking alpha-D-mannopyranose 'C6 H12 O6'
NAG D-saccharide, beta linking 2-acetamido-2-deoxy-beta-D-glucopyranose 'C8 H15 N O6'
XZZ non-polymer 6-chloro-7-hydroxy-4-methyl-2H-chromen-2-one 'C10 H7 Cl O3'
#
# COMPACT_ATOMS: atom_id res chain seq x y z
N THR A 1 30.30 -5.53 -13.05
CA THR A 1 29.92 -5.01 -11.70
C THR A 1 28.67 -5.70 -11.16
N ALA A 2 28.50 -5.68 -9.83
CA ALA A 2 27.41 -6.41 -9.17
C ALA A 2 26.06 -5.71 -9.26
N THR A 3 26.08 -4.38 -9.23
CA THR A 3 24.84 -3.63 -9.32
C THR A 3 24.37 -3.61 -10.78
N TYR A 4 23.11 -3.23 -10.98
CA TYR A 4 22.49 -3.25 -12.30
C TYR A 4 21.46 -2.12 -12.36
N SER A 5 21.14 -1.69 -13.57
CA SER A 5 20.28 -0.53 -13.76
C SER A 5 18.94 -0.84 -14.44
N GLY A 6 18.77 -2.10 -14.87
CA GLY A 6 17.54 -2.53 -15.53
C GLY A 6 17.34 -4.04 -15.40
N ASN A 7 17.37 -4.75 -16.52
CA ASN A 7 17.34 -6.22 -16.52
C ASN A 7 18.57 -6.79 -15.81
N PRO A 8 18.35 -7.51 -14.69
CA PRO A 8 19.48 -7.96 -13.89
C PRO A 8 20.28 -9.11 -14.51
N PHE A 9 19.79 -9.65 -15.63
CA PHE A 9 20.50 -10.70 -16.38
C PHE A 9 21.45 -10.13 -17.43
N VAL A 10 21.36 -8.82 -17.66
CA VAL A 10 22.23 -8.15 -18.63
C VAL A 10 23.65 -8.00 -18.06
N GLY A 11 24.64 -8.38 -18.87
CA GLY A 11 26.04 -8.25 -18.50
C GLY A 11 26.58 -9.30 -17.55
N VAL A 12 25.79 -10.33 -17.30
CA VAL A 12 26.22 -11.45 -16.43
C VAL A 12 25.95 -12.82 -17.08
N THR A 13 26.52 -13.86 -16.50
CA THR A 13 26.26 -15.22 -16.94
C THR A 13 25.79 -16.01 -15.75
N PRO A 14 24.57 -16.60 -15.82
CA PRO A 14 24.10 -17.39 -14.69
C PRO A 14 25.01 -18.57 -14.43
N TRP A 15 25.29 -18.81 -13.17
CA TRP A 15 26.24 -19.84 -12.77
C TRP A 15 25.55 -21.16 -12.59
N ALA A 16 26.13 -22.20 -13.20
CA ALA A 16 25.65 -23.56 -12.97
C ALA A 16 26.29 -24.09 -11.69
N ASN A 17 25.47 -24.39 -10.69
CA ASN A 17 25.98 -24.78 -9.37
C ASN A 17 26.50 -26.22 -9.28
N ALA A 18 27.36 -26.45 -8.27
CA ALA A 18 27.99 -27.74 -8.06
C ALA A 18 27.05 -28.80 -7.49
N TYR A 19 25.97 -28.38 -6.83
CA TYR A 19 25.03 -29.30 -6.21
C TYR A 19 24.31 -30.14 -7.27
N TYR A 20 23.69 -29.48 -8.24
CA TYR A 20 22.99 -30.17 -9.34
C TYR A 20 23.97 -30.97 -10.18
N ALA A 21 25.14 -30.39 -10.45
CA ALA A 21 26.18 -31.05 -11.23
C ALA A 21 26.62 -32.34 -10.56
N SER A 22 26.74 -32.32 -9.23
CA SER A 22 27.05 -33.51 -8.46
C SER A 22 25.96 -34.58 -8.56
N GLU A 23 24.69 -34.17 -8.48
CA GLU A 23 23.57 -35.09 -8.67
C GLU A 23 23.65 -35.78 -10.03
N VAL A 24 23.81 -35.00 -11.09
CA VAL A 24 23.88 -35.56 -12.44
C VAL A 24 25.07 -36.53 -12.56
N SER A 25 26.26 -36.05 -12.19
CA SER A 25 27.48 -36.83 -12.40
C SER A 25 27.61 -38.08 -11.51
N SER A 26 27.16 -37.96 -10.26
CA SER A 26 27.32 -39.04 -9.28
C SER A 26 26.09 -39.91 -9.07
N LEU A 27 24.90 -39.37 -9.36
CA LEU A 27 23.66 -40.15 -9.22
C LEU A 27 23.06 -40.63 -10.55
N ALA A 28 23.26 -39.87 -11.64
CA ALA A 28 22.63 -40.22 -12.91
C ALA A 28 23.58 -40.92 -13.88
N ILE A 29 24.74 -40.30 -14.11
CA ILE A 29 25.68 -40.79 -15.11
C ILE A 29 26.15 -42.24 -14.90
N PRO A 30 26.43 -42.65 -13.63
CA PRO A 30 26.86 -44.05 -13.45
C PRO A 30 25.83 -45.08 -13.91
N SER A 31 24.58 -44.65 -14.07
CA SER A 31 23.48 -45.53 -14.49
C SER A 31 23.22 -45.48 -15.99
N LEU A 32 23.92 -44.59 -16.69
CA LEU A 32 23.68 -44.38 -18.12
C LEU A 32 24.85 -44.90 -18.97
N THR A 33 24.59 -45.12 -20.25
CA THR A 33 25.64 -45.55 -21.17
C THR A 33 25.59 -44.78 -22.50
N GLY A 34 26.75 -44.70 -23.15
CA GLY A 34 26.87 -44.14 -24.48
C GLY A 34 26.35 -42.73 -24.62
N ALA A 35 25.57 -42.50 -25.68
CA ALA A 35 25.00 -41.19 -26.01
C ALA A 35 24.24 -40.54 -24.85
N MET A 36 23.48 -41.32 -24.09
CA MET A 36 22.73 -40.80 -22.94
C MET A 36 23.66 -40.27 -21.85
N ALA A 37 24.75 -41.00 -21.59
CA ALA A 37 25.72 -40.60 -20.57
C ALA A 37 26.39 -39.27 -20.93
N THR A 38 26.74 -39.14 -22.21
CA THR A 38 27.35 -37.91 -22.71
C THR A 38 26.38 -36.73 -22.68
N ALA A 39 25.14 -36.98 -23.09
CA ALA A 39 24.10 -35.96 -23.06
C ALA A 39 23.82 -35.49 -21.63
N ALA A 40 23.81 -36.43 -20.68
CA ALA A 40 23.59 -36.08 -19.26
C ALA A 40 24.65 -35.12 -18.73
N ALA A 41 25.92 -35.38 -19.04
CA ALA A 41 27.03 -34.51 -18.63
C ALA A 41 26.81 -33.06 -19.09
N ALA A 42 26.19 -32.90 -20.25
CA ALA A 42 25.88 -31.58 -20.81
C ALA A 42 24.79 -30.86 -20.03
N VAL A 43 23.78 -31.59 -19.57
CA VAL A 43 22.70 -31.00 -18.75
C VAL A 43 23.27 -30.34 -17.48
N ALA A 44 24.28 -30.99 -16.90
CA ALA A 44 24.89 -30.53 -15.66
C ALA A 44 25.48 -29.12 -15.80
N LYS A 45 25.63 -28.67 -17.04
CA LYS A 45 26.26 -27.38 -17.35
C LYS A 45 25.24 -26.26 -17.57
N VAL A 46 23.97 -26.64 -17.65
CA VAL A 46 22.89 -25.70 -17.86
C VAL A 46 22.56 -25.12 -16.47
N PRO A 47 22.59 -23.78 -16.33
CA PRO A 47 22.34 -23.21 -15.00
C PRO A 47 20.89 -23.35 -14.57
N SER A 48 20.70 -23.87 -13.37
CA SER A 48 19.40 -23.94 -12.73
C SER A 48 19.52 -23.37 -11.32
N PHE A 49 18.39 -22.99 -10.75
CA PHE A 49 18.38 -22.34 -9.44
C PHE A 49 18.66 -23.36 -8.32
N MET A 50 19.34 -22.88 -7.30
CA MET A 50 19.55 -23.66 -6.09
C MET A 50 18.47 -23.29 -5.06
N TRP A 51 17.74 -24.29 -4.60
CA TRP A 51 16.67 -24.07 -3.63
C TRP A 51 17.18 -24.12 -2.23
N LEU A 52 16.88 -23.08 -1.46
CA LEU A 52 17.24 -23.02 -0.04
C LEU A 52 16.02 -23.47 0.77
N ASP A 53 15.73 -24.77 0.71
CA ASP A 53 14.49 -25.32 1.26
C ASP A 53 14.56 -25.60 2.76
N THR A 54 15.75 -25.55 3.34
CA THR A 54 15.92 -25.57 4.78
C THR A 54 16.94 -24.50 5.18
N LEU A 55 16.96 -24.15 6.46
CA LEU A 55 17.94 -23.20 6.98
C LEU A 55 19.37 -23.74 6.85
N ASP A 56 19.54 -25.04 7.07
CA ASP A 56 20.89 -25.60 7.04
C ASP A 56 21.35 -25.90 5.61
N LYS A 57 20.56 -25.49 4.63
CA LYS A 57 20.97 -25.47 3.23
C LYS A 57 21.68 -24.14 2.90
N THR A 58 21.59 -23.16 3.81
CA THR A 58 22.20 -21.84 3.56
C THR A 58 23.74 -21.85 3.40
N PRO A 59 24.46 -22.80 4.03
CA PRO A 59 25.90 -22.85 3.73
C PRO A 59 26.20 -23.19 2.27
N LEU A 60 25.29 -23.93 1.63
CA LEU A 60 25.45 -24.26 0.21
C LEU A 60 25.33 -23.02 -0.69
N MET A 61 24.53 -22.04 -0.26
CA MET A 61 24.44 -20.78 -0.96
C MET A 61 25.78 -20.07 -0.90
N GLU A 62 26.39 -20.03 0.28
CA GLU A 62 27.72 -19.47 0.47
C GLU A 62 28.79 -20.15 -0.38
N GLN A 63 28.77 -21.48 -0.42
CA GLN A 63 29.74 -22.26 -1.20
C GLN A 63 29.62 -21.97 -2.70
N THR A 64 28.38 -21.80 -3.17
CA THR A 64 28.12 -21.44 -4.56
C THR A 64 28.70 -20.06 -4.86
N LEU A 65 28.40 -19.11 -3.97
CA LEU A 65 28.88 -17.74 -4.11
C LEU A 65 30.41 -17.62 -4.05
N ALA A 66 31.04 -18.48 -3.24
CA ALA A 66 32.51 -18.56 -3.18
C ALA A 66 33.09 -19.05 -4.51
N ASP A 67 32.46 -20.06 -5.10
CA ASP A 67 32.81 -20.51 -6.44
C ASP A 67 32.69 -19.38 -7.45
N ILE A 68 31.59 -18.63 -7.40
CA ILE A 68 31.36 -17.54 -8.35
C ILE A 68 32.42 -16.44 -8.20
N ARG A 69 32.71 -16.04 -6.96
CA ARG A 69 33.75 -15.05 -6.68
C ARG A 69 35.08 -15.43 -7.34
N THR A 70 35.47 -16.69 -7.19
CA THR A 70 36.67 -17.23 -7.83
C THR A 70 36.60 -17.11 -9.35
N ALA A 71 35.50 -17.56 -9.94
CA ALA A 71 35.34 -17.56 -11.40
C ALA A 71 35.30 -16.14 -12.00
N ASN A 72 34.86 -15.18 -11.20
CA ASN A 72 34.79 -13.78 -11.65
C ASN A 72 36.15 -13.09 -11.80
N LYS A 73 37.18 -13.68 -11.21
CA LYS A 73 38.55 -13.18 -11.31
C LYS A 73 39.12 -13.45 -12.70
N ASN A 74 38.83 -14.63 -13.25
CA ASN A 74 39.35 -15.04 -14.54
C ASN A 74 38.50 -14.50 -15.69
N GLY A 75 38.32 -13.17 -15.69
CA GLY A 75 37.54 -12.49 -16.72
C GLY A 75 36.04 -12.65 -16.59
N GLY A 76 35.62 -13.83 -16.15
CA GLY A 76 34.21 -14.21 -16.02
C GLY A 76 33.33 -13.24 -15.23
N ASN A 77 32.04 -13.24 -15.55
CA ASN A 77 31.10 -12.37 -14.88
C ASN A 77 29.82 -13.14 -14.56
N TYR A 78 29.90 -13.95 -13.51
CA TYR A 78 28.86 -14.92 -13.21
C TYR A 78 27.92 -14.43 -12.13
N ALA A 79 26.67 -14.89 -12.19
CA ALA A 79 25.62 -14.51 -11.25
C ALA A 79 25.06 -15.72 -10.53
N GLY A 80 24.77 -15.57 -9.25
CA GLY A 80 24.17 -16.66 -8.47
C GLY A 80 22.66 -16.65 -8.52
N GLN A 81 22.08 -17.84 -8.47
CA GLN A 81 20.64 -18.03 -8.64
C GLN A 81 20.11 -18.93 -7.53
N PHE A 82 19.23 -18.39 -6.68
CA PHE A 82 18.70 -19.16 -5.55
C PHE A 82 17.21 -18.95 -5.35
N VAL A 83 16.55 -19.95 -4.78
CA VAL A 83 15.14 -19.84 -4.41
C VAL A 83 15.02 -19.70 -2.90
N VAL A 84 14.29 -18.67 -2.46
CA VAL A 84 13.98 -18.49 -1.05
C VAL A 84 12.69 -19.28 -0.85
N TYR A 85 12.75 -20.32 -0.02
CA TYR A 85 11.66 -21.29 0.07
C TYR A 85 11.60 -22.01 1.42
N ASP A 86 11.15 -21.31 2.46
CA ASP A 86 11.06 -21.92 3.78
C ASP A 86 9.99 -21.28 4.66
N LEU A 87 8.90 -20.79 4.04
CA LEU A 87 7.80 -20.19 4.81
C LEU A 87 7.27 -21.16 5.85
N PRO A 88 6.83 -20.64 7.02
CA PRO A 88 6.11 -21.52 7.97
C PRO A 88 4.76 -21.92 7.38
N ASP A 89 4.32 -23.15 7.66
CA ASP A 89 3.17 -23.75 6.98
C ASP A 89 3.28 -23.66 5.46
N ARG A 90 4.46 -24.03 4.97
CA ARG A 90 4.80 -24.03 3.56
C ARG A 90 3.90 -24.96 2.77
N ASP A 91 3.69 -24.63 1.49
CA ASP A 91 2.99 -25.48 0.51
C ASP A 91 1.57 -25.79 0.98
N CYS A 92 0.82 -24.73 1.30
CA CYS A 92 -0.39 -24.89 2.11
C CYS A 92 -1.55 -25.61 1.43
N ALA A 93 -1.51 -25.75 0.10
CA ALA A 93 -2.58 -26.45 -0.62
C ALA A 93 -2.15 -27.82 -1.13
N ALA A 94 -1.01 -28.30 -0.64
CA ALA A 94 -0.51 -29.61 -1.02
C ALA A 94 0.13 -30.26 0.20
N LEU A 95 0.60 -31.49 0.05
CA LEU A 95 1.21 -32.20 1.17
C LEU A 95 2.64 -32.65 0.87
N ALA A 96 3.04 -32.59 -0.40
CA ALA A 96 4.32 -33.18 -0.83
C ALA A 96 5.56 -32.43 -0.36
N SER A 97 5.44 -31.11 -0.20
CA SER A 97 6.60 -30.27 0.08
CA SER A 97 6.60 -30.27 0.08
C SER A 97 6.47 -29.46 1.38
N ASN A 98 5.78 -30.05 2.36
CA ASN A 98 5.70 -29.49 3.71
C ASN A 98 7.10 -29.23 4.28
N GLY A 99 7.25 -28.12 5.01
CA GLY A 99 8.56 -27.66 5.47
C GLY A 99 8.85 -27.83 6.95
N GLU A 100 10.00 -27.33 7.37
CA GLU A 100 10.50 -27.52 8.73
C GLU A 100 9.88 -26.59 9.77
N TYR A 101 9.26 -25.50 9.32
CA TYR A 101 8.67 -24.54 10.24
C TYR A 101 7.15 -24.53 10.21
N SER A 102 6.53 -24.40 11.38
CA SER A 102 5.08 -24.27 11.48
C SER A 102 4.75 -22.97 12.19
N ILE A 103 3.69 -22.31 11.73
CA ILE A 103 3.25 -21.04 12.32
C ILE A 103 2.97 -21.19 13.81
N ALA A 104 2.31 -22.29 14.18
CA ALA A 104 1.96 -22.57 15.58
C ALA A 104 3.16 -22.46 16.52
N ASP A 105 4.30 -22.98 16.06
CA ASP A 105 5.50 -23.04 16.89
C ASP A 105 6.57 -22.04 16.45
N GLY A 106 6.27 -20.76 16.63
CA GLY A 106 7.22 -19.67 16.39
C GLY A 106 7.75 -19.60 14.96
N GLY A 107 6.96 -20.10 14.01
CA GLY A 107 7.38 -20.19 12.59
C GLY A 107 7.74 -18.88 11.93
N VAL A 108 7.04 -17.82 12.29
CA VAL A 108 7.31 -16.48 11.78
C VAL A 108 8.67 -15.95 12.25
N ALA A 109 8.97 -16.14 13.54
CA ALA A 109 10.26 -15.74 14.11
C ALA A 109 11.38 -16.57 13.48
N LYS A 110 11.13 -17.86 13.28
CA LYS A 110 12.11 -18.74 12.66
C LYS A 110 12.34 -18.36 11.19
N TYR A 111 11.28 -17.93 10.52
CA TYR A 111 11.41 -17.50 9.13
C TYR A 111 12.25 -16.23 9.05
N LYS A 112 12.01 -15.31 9.98
CA LYS A 112 12.78 -14.08 10.02
C LYS A 112 14.27 -14.35 10.25
N ASN A 113 14.58 -15.28 11.15
CA ASN A 113 15.96 -15.75 11.35
C ASN A 113 16.58 -16.34 10.08
N TYR A 114 15.78 -17.13 9.34
CA TYR A 114 16.19 -17.67 8.04
C TYR A 114 16.52 -16.56 7.04
N ILE A 115 15.65 -15.55 6.94
CA ILE A 115 15.93 -14.37 6.10
C ILE A 115 17.17 -13.60 6.55
N ASP A 116 17.31 -13.44 7.86
CA ASP A 116 18.49 -12.79 8.45
C ASP A 116 19.76 -13.50 7.98
N THR A 117 19.72 -14.83 7.97
CA THR A 117 20.86 -15.68 7.56
C THR A 117 21.22 -15.44 6.10
N ILE A 118 20.20 -15.42 5.25
CA ILE A 118 20.40 -15.18 3.83
C ILE A 118 20.93 -13.76 3.59
N ARG A 119 20.34 -12.77 4.27
CA ARG A 119 20.83 -11.39 4.14
C ARG A 119 22.32 -11.28 4.43
N GLN A 120 22.76 -11.93 5.49
CA GLN A 120 24.19 -11.91 5.84
C GLN A 120 25.07 -12.49 4.74
N ILE A 121 24.60 -13.55 4.10
CA ILE A 121 25.34 -14.18 2.99
C ILE A 121 25.48 -13.19 1.83
N VAL A 122 24.36 -12.54 1.49
CA VAL A 122 24.32 -11.55 0.41
C VAL A 122 25.22 -10.32 0.69
N VAL A 123 25.30 -9.91 1.95
CA VAL A 123 26.21 -8.84 2.35
C VAL A 123 27.68 -9.31 2.25
N GLU A 124 27.94 -10.53 2.68
CA GLU A 124 29.26 -11.17 2.59
C GLU A 124 29.70 -11.23 1.14
N TYR A 125 28.74 -11.43 0.23
CA TYR A 125 29.02 -11.56 -1.19
C TYR A 125 28.38 -10.43 -1.99
N SER A 126 28.58 -9.21 -1.50
CA SER A 126 28.00 -8.02 -2.12
C SER A 126 28.58 -7.75 -3.51
N ASP A 127 29.71 -8.40 -3.80
CA ASP A 127 30.39 -8.32 -5.09
C ASP A 127 29.76 -9.21 -6.18
N ILE A 128 28.80 -10.05 -5.80
CA ILE A 128 28.19 -11.01 -6.73
C ILE A 128 26.74 -10.66 -7.01
N ARG A 129 26.37 -10.56 -8.29
CA ARG A 129 24.96 -10.37 -8.62
C ARG A 129 24.18 -11.63 -8.29
N THR A 130 23.07 -11.45 -7.61
CA THR A 130 22.36 -12.56 -6.98
C THR A 130 20.89 -12.47 -7.34
N LEU A 131 20.39 -13.51 -8.02
CA LEU A 131 19.04 -13.52 -8.54
C LEU A 131 18.21 -14.48 -7.72
N LEU A 132 17.09 -13.99 -7.21
CA LEU A 132 16.32 -14.74 -6.24
C LEU A 132 14.90 -14.90 -6.70
N VAL A 133 14.38 -16.12 -6.56
CA VAL A 133 12.95 -16.35 -6.66
C VAL A 133 12.40 -16.42 -5.24
N ILE A 134 11.35 -15.66 -4.97
CA ILE A 134 10.76 -15.59 -3.62
C ILE A 134 9.53 -16.48 -3.45
N GLU A 135 9.71 -17.52 -2.64
CA GLU A 135 8.61 -18.36 -2.12
C GLU A 135 7.56 -18.88 -3.13
N PRO A 136 7.96 -19.86 -3.96
CA PRO A 136 7.02 -20.49 -4.88
C PRO A 136 5.73 -20.98 -4.22
N ALA A 137 4.62 -20.78 -4.93
CA ALA A 137 3.29 -21.30 -4.57
C ALA A 137 2.53 -20.43 -3.56
N SER A 138 3.27 -19.79 -2.65
CA SER A 138 2.69 -19.05 -1.53
C SER A 138 1.61 -18.02 -1.88
N LEU A 139 1.99 -16.94 -2.56
CA LEU A 139 1.04 -15.87 -2.92
C LEU A 139 -0.10 -16.34 -3.84
N ALA A 140 0.24 -17.23 -4.78
CA ALA A 140 -0.77 -17.82 -5.64
C ALA A 140 -1.83 -18.58 -4.82
N ASN A 141 -1.41 -19.28 -3.78
CA ASN A 141 -2.36 -19.96 -2.86
C ASN A 141 -3.24 -18.96 -2.12
N LEU A 142 -2.74 -17.75 -1.88
CA LEU A 142 -3.53 -16.74 -1.20
C LEU A 142 -4.59 -16.12 -2.10
N VAL A 143 -4.31 -16.08 -3.40
CA VAL A 143 -5.27 -15.58 -4.39
C VAL A 143 -6.43 -16.56 -4.57
N THR A 144 -6.10 -17.85 -4.71
CA THR A 144 -7.05 -18.84 -5.21
C THR A 144 -7.53 -19.89 -4.19
N ASN A 145 -6.79 -20.05 -3.09
CA ASN A 145 -7.03 -21.18 -2.18
C ASN A 145 -7.39 -20.84 -0.74
N LEU A 146 -8.06 -19.72 -0.55
CA LEU A 146 -8.51 -19.34 0.80
C LEU A 146 -9.58 -20.31 1.33
N GLY A 147 -10.13 -21.14 0.43
CA GLY A 147 -11.04 -22.21 0.79
C GLY A 147 -10.34 -23.41 1.40
N THR A 148 -9.00 -23.42 1.31
CA THR A 148 -8.18 -24.43 1.96
C THR A 148 -7.77 -23.90 3.34
N PRO A 149 -8.24 -24.58 4.42
CA PRO A 149 -8.03 -24.13 5.80
C PRO A 149 -6.58 -23.77 6.15
N LYS A 150 -5.62 -24.57 5.68
CA LYS A 150 -4.20 -24.34 5.95
C LYS A 150 -3.73 -23.03 5.32
N CYS A 151 -4.26 -22.69 4.14
CA CYS A 151 -3.88 -21.45 3.46
C CYS A 151 -4.56 -20.24 4.10
N ALA A 152 -5.85 -20.40 4.43
CA ALA A 152 -6.64 -19.35 5.07
C ALA A 152 -5.99 -18.90 6.38
N ASN A 153 -5.55 -19.88 7.16
CA ASN A 153 -4.93 -19.58 8.44
C ASN A 153 -3.47 -19.10 8.32
N ALA A 154 -2.85 -19.31 7.16
CA ALA A 154 -1.46 -18.90 6.94
C ALA A 154 -1.34 -17.49 6.37
N GLN A 155 -2.47 -16.88 6.01
CA GLN A 155 -2.48 -15.62 5.29
C GLN A 155 -1.63 -14.50 5.91
N SER A 156 -1.93 -14.12 7.15
CA SER A 156 -1.21 -13.04 7.82
CA SER A 156 -1.21 -13.03 7.82
C SER A 156 0.27 -13.37 8.01
N ALA A 157 0.55 -14.63 8.35
CA ALA A 157 1.94 -15.09 8.50
C ALA A 157 2.72 -14.99 7.18
N TYR A 158 2.11 -15.48 6.09
CA TYR A 158 2.72 -15.38 4.76
C TYR A 158 3.04 -13.93 4.39
N LEU A 159 2.08 -13.04 4.58
CA LEU A 159 2.27 -11.65 4.16
C LEU A 159 3.30 -10.93 5.03
N GLU A 160 3.32 -11.24 6.34
CA GLU A 160 4.34 -10.70 7.22
C GLU A 160 5.72 -11.20 6.80
N CYS A 161 5.83 -12.50 6.54
CA CYS A 161 7.08 -13.13 6.18
C CYS A 161 7.63 -12.65 4.84
N ILE A 162 6.76 -12.56 3.84
CA ILE A 162 7.17 -12.12 2.51
C ILE A 162 7.59 -10.65 2.53
N ASN A 163 6.85 -9.81 3.25
CA ASN A 163 7.27 -8.44 3.49
C ASN A 163 8.68 -8.37 4.09
N TYR A 164 8.96 -9.25 5.05
CA TYR A 164 10.27 -9.29 5.69
C TYR A 164 11.36 -9.70 4.70
N ALA A 165 11.04 -10.70 3.86
CA ALA A 165 11.99 -11.19 2.86
C ALA A 165 12.35 -10.10 1.85
N VAL A 166 11.36 -9.44 1.28
CA VAL A 166 11.60 -8.49 0.20
C VAL A 166 12.19 -7.15 0.68
N THR A 167 12.03 -6.86 1.98
CA THR A 167 12.66 -5.68 2.58
C THR A 167 14.08 -5.98 3.06
N GLN A 168 14.28 -7.14 3.69
CA GLN A 168 15.60 -7.51 4.21
C GLN A 168 16.60 -7.96 3.15
N LEU A 169 16.10 -8.43 2.01
CA LEU A 169 16.98 -8.82 0.90
C LEU A 169 17.02 -7.76 -0.21
N ASN A 170 16.49 -6.57 0.09
CA ASN A 170 16.54 -5.43 -0.82
C ASN A 170 17.94 -4.83 -0.77
N LEU A 171 18.85 -5.39 -1.56
CA LEU A 171 20.25 -4.94 -1.58
C LEU A 171 20.71 -4.70 -3.02
N PRO A 172 21.74 -3.85 -3.23
CA PRO A 172 22.09 -3.39 -4.59
C PRO A 172 22.54 -4.49 -5.56
N ASN A 173 23.03 -5.61 -5.04
CA ASN A 173 23.46 -6.72 -5.89
C ASN A 173 22.36 -7.75 -6.16
N VAL A 174 21.17 -7.49 -5.63
CA VAL A 174 20.08 -8.47 -5.66
C VAL A 174 18.97 -8.07 -6.64
N ALA A 175 18.41 -9.09 -7.30
CA ALA A 175 17.18 -8.96 -8.04
C ALA A 175 16.25 -10.07 -7.55
N MET A 176 15.08 -9.68 -7.09
CA MET A 176 14.08 -10.63 -6.60
C MET A 176 12.89 -10.70 -7.56
N TYR A 177 12.37 -11.92 -7.75
CA TYR A 177 11.15 -12.15 -8.50
C TYR A 177 10.19 -12.91 -7.59
N LEU A 178 9.05 -12.31 -7.27
CA LEU A 178 8.06 -13.00 -6.46
C LEU A 178 7.46 -14.12 -7.28
N ASP A 179 7.34 -15.30 -6.70
CA ASP A 179 6.64 -16.35 -7.42
C ASP A 179 5.18 -15.97 -7.69
N ALA A 180 4.72 -16.27 -8.90
CA ALA A 180 3.39 -15.86 -9.32
C ALA A 180 2.60 -16.98 -10.01
N GLY A 181 2.83 -18.22 -9.60
CA GLY A 181 2.15 -19.37 -10.21
C GLY A 181 2.37 -19.45 -11.71
N HIS A 182 1.33 -19.80 -12.46
CA HIS A 182 1.46 -20.00 -13.91
C HIS A 182 0.18 -19.74 -14.66
N ALA A 183 0.23 -19.84 -15.99
CA ALA A 183 -0.95 -19.58 -16.83
C ALA A 183 -2.20 -20.35 -16.42
N GLY A 184 -2.02 -21.62 -16.07
CA GLY A 184 -3.13 -22.48 -15.69
C GLY A 184 -3.58 -22.35 -14.25
N TRP A 185 -3.00 -21.37 -13.56
CA TRP A 185 -3.36 -21.11 -12.19
C TRP A 185 -3.87 -19.70 -12.07
N LEU A 186 -2.97 -18.74 -12.18
CA LEU A 186 -3.35 -17.32 -12.06
C LEU A 186 -3.68 -16.66 -13.40
N GLY A 187 -3.43 -17.37 -14.50
CA GLY A 187 -3.66 -16.84 -15.84
C GLY A 187 -5.12 -16.81 -16.26
N TRP A 188 -5.94 -17.62 -15.61
CA TRP A 188 -7.39 -17.58 -15.82
C TRP A 188 -7.89 -16.17 -15.70
N PRO A 189 -8.66 -15.70 -16.70
CA PRO A 189 -9.14 -14.31 -16.70
C PRO A 189 -9.68 -13.80 -15.35
N ALA A 190 -10.49 -14.61 -14.66
CA ALA A 190 -11.10 -14.22 -13.38
C ALA A 190 -10.11 -14.05 -12.23
N ASN A 191 -8.91 -14.61 -12.38
CA ASN A 191 -7.89 -14.54 -11.34
C ASN A 191 -6.85 -13.45 -11.57
N GLN A 192 -6.81 -12.92 -12.80
CA GLN A 192 -5.74 -12.02 -13.22
C GLN A 192 -5.67 -10.75 -12.37
N ASP A 193 -6.78 -10.05 -12.25
CA ASP A 193 -6.80 -8.80 -11.52
C ASP A 193 -6.64 -8.99 -10.00
N PRO A 194 -7.36 -9.96 -9.39
CA PRO A 194 -7.13 -10.23 -7.96
C PRO A 194 -5.66 -10.57 -7.67
N ALA A 195 -5.05 -11.38 -8.53
CA ALA A 195 -3.64 -11.71 -8.40
C ALA A 195 -2.78 -10.44 -8.49
N ALA A 196 -3.04 -9.61 -9.51
CA ALA A 196 -2.28 -8.38 -9.72
C ALA A 196 -2.41 -7.44 -8.51
N GLN A 197 -3.61 -7.36 -7.94
CA GLN A 197 -3.87 -6.55 -6.75
C GLN A 197 -3.00 -6.99 -5.59
N LEU A 198 -2.99 -8.29 -5.33
CA LEU A 198 -2.17 -8.83 -4.25
C LEU A 198 -0.67 -8.58 -4.45
N PHE A 199 -0.16 -8.88 -5.64
CA PHE A 199 1.26 -8.64 -5.97
C PHE A 199 1.67 -7.17 -5.83
N ALA A 200 0.85 -6.26 -6.37
CA ALA A 200 1.12 -4.83 -6.25
C ALA A 200 1.09 -4.40 -4.78
N ASN A 201 0.15 -4.95 -4.01
CA ASN A 201 0.03 -4.63 -2.58
C ASN A 201 1.25 -5.07 -1.79
N VAL A 202 1.79 -6.24 -2.13
CA VAL A 202 3.05 -6.71 -1.53
C VAL A 202 4.16 -5.69 -1.83
N TYR A 203 4.30 -5.36 -3.11
CA TYR A 203 5.30 -4.39 -3.56
C TYR A 203 5.16 -3.03 -2.87
N LYS A 204 3.95 -2.48 -2.84
CA LYS A 204 3.67 -1.19 -2.22
C LYS A 204 3.90 -1.24 -0.71
N ASN A 205 3.45 -2.32 -0.08
CA ASN A 205 3.56 -2.50 1.37
C ASN A 205 5.01 -2.59 1.82
N ALA A 206 5.88 -3.00 0.90
CA ALA A 206 7.30 -3.11 1.17
C ALA A 206 8.06 -1.84 0.77
N SER A 207 7.32 -0.73 0.57
CA SER A 207 7.90 0.54 0.10
C SER A 207 8.59 0.47 -1.26
N SER A 208 8.03 -0.32 -2.17
CA SER A 208 8.50 -0.39 -3.55
C SER A 208 10.01 -0.68 -3.64
N PRO A 209 10.44 -1.84 -3.11
CA PRO A 209 11.88 -2.14 -3.04
C PRO A 209 12.54 -2.12 -4.41
N ARG A 210 13.66 -1.41 -4.53
CA ARG A 210 14.38 -1.33 -5.80
C ARG A 210 14.83 -2.69 -6.31
N ALA A 211 15.18 -3.58 -5.38
CA ALA A 211 15.65 -4.93 -5.73
C ALA A 211 14.52 -5.85 -6.20
N LEU A 212 13.27 -5.48 -5.92
CA LEU A 212 12.10 -6.29 -6.31
C LEU A 212 11.72 -6.00 -7.77
N ARG A 213 12.23 -6.87 -8.65
CA ARG A 213 12.23 -6.65 -10.09
C ARG A 213 10.92 -7.02 -10.75
N GLY A 214 10.24 -8.03 -10.22
CA GLY A 214 9.01 -8.50 -10.83
C GLY A 214 8.56 -9.85 -10.33
N LEU A 215 8.10 -10.68 -11.26
CA LEU A 215 7.47 -11.96 -10.94
C LEU A 215 8.15 -13.12 -11.64
N ALA A 216 8.10 -14.29 -11.00
CA ALA A 216 8.57 -15.54 -11.60
C ALA A 216 7.34 -16.38 -11.91
N THR A 217 7.29 -16.99 -13.10
CA THR A 217 6.15 -17.84 -13.47
C THR A 217 6.58 -19.25 -13.84
N ASN A 218 5.62 -20.18 -13.81
CA ASN A 218 5.81 -21.57 -14.23
C ASN A 218 6.79 -22.38 -13.37
N VAL A 219 7.12 -21.89 -12.18
CA VAL A 219 8.15 -22.55 -11.35
C VAL A 219 7.67 -23.92 -10.92
N ALA A 220 8.50 -24.94 -11.20
CA ALA A 220 8.15 -26.34 -10.93
C ALA A 220 6.90 -26.77 -11.70
N ASN A 221 6.56 -25.99 -12.73
CA ASN A 221 5.51 -26.41 -13.64
C ASN A 221 6.03 -26.66 -15.07
N TYR A 222 5.12 -26.82 -16.01
CA TYR A 222 5.48 -27.41 -17.29
C TYR A 222 4.92 -26.69 -18.50
N ASN A 223 4.24 -25.57 -18.28
CA ASN A 223 3.56 -24.88 -19.39
C ASN A 223 4.52 -24.44 -20.48
N GLY A 224 3.99 -24.35 -21.70
CA GLY A 224 4.77 -23.81 -22.80
C GLY A 224 5.01 -22.33 -22.60
N TRP A 225 6.11 -21.84 -23.16
CA TRP A 225 6.38 -20.41 -23.19
C TRP A 225 5.46 -19.74 -24.18
N ASN A 226 5.56 -20.12 -25.45
CA ASN A 226 4.86 -19.40 -26.49
C ASN A 226 4.21 -20.30 -27.52
N ILE A 227 3.94 -21.55 -27.13
CA ILE A 227 3.35 -22.50 -28.06
C ILE A 227 2.14 -21.88 -28.75
N THR A 228 2.07 -22.08 -30.06
CA THR A 228 1.03 -21.49 -30.89
C THR A 228 -0.19 -22.41 -30.97
N SER A 229 -0.01 -23.64 -30.53
CA SER A 229 -1.07 -24.64 -30.49
C SER A 229 -1.46 -24.91 -29.04
N PRO A 230 -2.67 -24.46 -28.63
CA PRO A 230 -3.15 -24.70 -27.27
C PRO A 230 -3.43 -26.18 -26.97
N PRO A 231 -2.89 -26.70 -25.84
CA PRO A 231 -3.09 -28.11 -25.48
C PRO A 231 -4.50 -28.40 -24.97
N SER A 232 -4.96 -29.63 -25.24
CA SER A 232 -6.31 -30.07 -24.84
C SER A 232 -6.68 -29.74 -23.38
N TYR A 233 -5.76 -30.03 -22.45
CA TYR A 233 -6.00 -29.79 -21.02
C TYR A 233 -6.13 -28.31 -20.63
N THR A 234 -5.79 -27.41 -21.55
CA THR A 234 -5.94 -25.97 -21.31
C THR A 234 -7.34 -25.45 -21.68
N GLN A 235 -8.20 -26.37 -22.14
CA GLN A 235 -9.55 -26.07 -22.58
C GLN A 235 -10.27 -25.11 -21.61
N GLY A 236 -10.73 -23.98 -22.14
CA GLY A 236 -11.49 -23.02 -21.35
C GLY A 236 -10.69 -21.80 -20.94
N ASN A 237 -9.36 -21.88 -21.04
CA ASN A 237 -8.49 -20.75 -20.67
C ASN A 237 -7.86 -20.10 -21.89
N ALA A 238 -8.25 -18.84 -22.13
CA ALA A 238 -7.66 -18.05 -23.21
C ALA A 238 -6.15 -17.86 -23.00
N VAL A 239 -5.74 -17.92 -21.74
CA VAL A 239 -4.32 -17.81 -21.37
C VAL A 239 -3.74 -19.22 -21.19
N TYR A 240 -3.26 -19.78 -22.29
CA TYR A 240 -2.84 -21.18 -22.33
C TYR A 240 -1.31 -21.38 -22.36
N ASN A 241 -0.55 -20.28 -22.37
CA ASN A 241 0.91 -20.36 -22.24
C ASN A 241 1.44 -19.22 -21.37
N GLU A 242 2.73 -19.24 -21.06
CA GLU A 242 3.30 -18.29 -20.11
C GLU A 242 3.49 -16.90 -20.71
N LYS A 243 3.78 -16.84 -22.01
CA LYS A 243 3.86 -15.54 -22.68
C LYS A 243 2.54 -14.77 -22.58
N LEU A 244 1.42 -15.44 -22.83
CA LEU A 244 0.11 -14.80 -22.69
C LEU A 244 -0.15 -14.39 -21.24
N TYR A 245 0.34 -15.20 -20.30
CA TYR A 245 0.12 -14.91 -18.89
C TYR A 245 0.81 -13.60 -18.47
N ILE A 246 2.11 -13.51 -18.72
CA ILE A 246 2.86 -12.31 -18.30
C ILE A 246 2.35 -11.05 -19.01
N HIS A 247 1.90 -11.18 -20.25
CA HIS A 247 1.41 -10.01 -20.98
C HIS A 247 0.01 -9.60 -20.59
N ALA A 248 -0.74 -10.51 -19.99
CA ALA A 248 -2.03 -10.21 -19.37
C ALA A 248 -1.87 -9.56 -18.00
N ILE A 249 -1.03 -10.12 -17.15
CA ILE A 249 -0.95 -9.62 -15.74
C ILE A 249 -0.09 -8.35 -15.60
N GLY A 250 0.91 -8.23 -16.45
CA GLY A 250 1.83 -7.09 -16.44
C GLY A 250 1.15 -5.72 -16.36
N PRO A 251 0.24 -5.43 -17.30
CA PRO A 251 -0.49 -4.14 -17.29
C PRO A 251 -1.37 -3.96 -16.06
N LEU A 252 -1.89 -5.06 -15.52
CA LEU A 252 -2.69 -5.01 -14.31
C LEU A 252 -1.84 -4.65 -13.10
N LEU A 253 -0.58 -5.11 -13.08
CA LEU A 253 0.35 -4.71 -12.03
C LEU A 253 0.50 -3.19 -12.05
N ALA A 254 0.77 -2.66 -13.23
CA ALA A 254 0.87 -1.20 -13.45
C ALA A 254 -0.39 -0.46 -12.98
N ASN A 255 -1.56 -0.97 -13.38
CA ASN A 255 -2.85 -0.44 -12.94
C ASN A 255 -2.95 -0.31 -11.42
N HIS A 256 -2.37 -1.27 -10.70
CA HIS A 256 -2.46 -1.28 -9.24
C HIS A 256 -1.26 -0.72 -8.52
N GLY A 257 -0.39 -0.04 -9.26
CA GLY A 257 0.66 0.77 -8.65
C GLY A 257 2.03 0.13 -8.64
N TRP A 258 2.18 -0.98 -9.37
CA TRP A 258 3.49 -1.58 -9.59
C TRP A 258 3.89 -1.43 -11.04
N SER A 259 4.53 -0.31 -11.36
CA SER A 259 5.05 -0.06 -12.69
C SER A 259 6.41 -0.70 -12.84
N ASN A 260 6.78 -0.99 -14.09
CA ASN A 260 8.07 -1.57 -14.44
C ASN A 260 8.33 -2.92 -13.79
N ALA A 261 7.29 -3.75 -13.71
CA ALA A 261 7.45 -5.12 -13.25
C ALA A 261 7.86 -5.97 -14.44
N PHE A 262 8.91 -6.76 -14.25
CA PHE A 262 9.36 -7.68 -15.29
C PHE A 262 9.27 -9.13 -14.81
N PHE A 263 9.57 -10.07 -15.71
CA PHE A 263 9.28 -11.48 -15.45
C PHE A 263 10.46 -12.38 -15.75
N ILE A 264 10.51 -13.51 -15.04
CA ILE A 264 11.30 -14.65 -15.49
C ILE A 264 10.35 -15.84 -15.54
N THR A 265 10.63 -16.79 -16.43
CA THR A 265 9.75 -17.95 -16.61
C THR A 265 10.56 -19.23 -16.68
N ASP A 266 10.15 -20.18 -15.84
CA ASP A 266 10.77 -21.48 -15.76
C ASP A 266 10.44 -22.27 -17.04
N GLN A 267 11.47 -22.77 -17.72
CA GLN A 267 11.25 -23.66 -18.86
C GLN A 267 11.99 -24.99 -18.72
N GLY A 268 12.44 -25.30 -17.49
CA GLY A 268 13.26 -26.50 -17.26
C GLY A 268 12.57 -27.82 -17.53
N ARG A 269 11.24 -27.83 -17.53
CA ARG A 269 10.49 -29.06 -17.82
C ARG A 269 9.40 -28.80 -18.85
N SER A 270 9.70 -27.90 -19.77
CA SER A 270 8.70 -27.39 -20.71
C SER A 270 8.95 -27.77 -22.17
N GLY A 271 10.00 -28.58 -22.41
CA GLY A 271 10.44 -28.91 -23.76
C GLY A 271 9.47 -29.68 -24.62
N LYS A 272 8.64 -30.53 -24.00
CA LYS A 272 7.65 -31.31 -24.73
C LYS A 272 6.23 -30.74 -24.54
N GLN A 273 5.64 -30.33 -25.66
CA GLN A 273 4.30 -29.75 -25.68
C GLN A 273 3.49 -30.42 -26.80
N PRO A 274 2.30 -30.93 -26.47
CA PRO A 274 1.72 -30.97 -25.13
C PRO A 274 2.52 -31.90 -24.22
N THR A 275 2.35 -31.73 -22.91
CA THR A 275 2.94 -32.63 -21.92
C THR A 275 2.10 -33.90 -21.89
N GLY A 276 2.42 -34.80 -20.97
CA GLY A 276 1.60 -35.99 -20.74
C GLY A 276 0.46 -35.76 -19.76
N GLN A 277 0.25 -34.52 -19.35
CA GLN A 277 -0.83 -34.17 -18.43
C GLN A 277 -2.19 -34.56 -19.00
N GLN A 278 -2.99 -35.22 -18.17
CA GLN A 278 -4.35 -35.59 -18.55
C GLN A 278 -5.31 -34.54 -18.03
N GLN A 279 -4.88 -33.87 -16.96
CA GLN A 279 -5.55 -32.68 -16.44
C GLN A 279 -4.51 -31.60 -16.16
N TRP A 280 -4.87 -30.34 -16.39
CA TRP A 280 -3.94 -29.22 -16.22
C TRP A 280 -3.42 -29.09 -14.81
N GLY A 281 -4.22 -29.49 -13.83
CA GLY A 281 -3.86 -29.37 -12.41
C GLY A 281 -2.98 -30.48 -11.89
N ASP A 282 -2.62 -31.42 -12.75
CA ASP A 282 -1.72 -32.49 -12.38
C ASP A 282 -0.30 -31.95 -12.45
N TRP A 283 0.26 -31.65 -11.28
CA TRP A 283 1.58 -30.98 -11.18
C TRP A 283 2.72 -31.88 -10.76
N CYS A 284 2.42 -33.09 -10.27
CA CYS A 284 3.46 -33.92 -9.63
C CYS A 284 4.15 -34.90 -10.57
N ASN A 285 5.48 -34.77 -10.71
CA ASN A 285 6.27 -35.68 -11.53
C ASN A 285 5.59 -36.05 -12.85
N VAL A 286 5.17 -35.03 -13.59
CA VAL A 286 4.36 -35.21 -14.81
C VAL A 286 5.09 -35.99 -15.91
N ILE A 287 4.43 -37.01 -16.44
CA ILE A 287 5.00 -37.81 -17.52
C ILE A 287 4.99 -37.04 -18.85
N GLY A 288 5.84 -37.46 -19.79
CA GLY A 288 5.84 -36.88 -21.14
C GLY A 288 6.39 -35.47 -21.21
N THR A 289 7.34 -35.17 -20.33
CA THR A 289 7.97 -33.86 -20.29
C THR A 289 9.44 -33.98 -20.66
N GLY A 290 10.01 -32.85 -21.10
CA GLY A 290 11.42 -32.80 -21.45
C GLY A 290 12.01 -31.49 -21.00
N PHE A 291 13.33 -31.47 -20.85
CA PHE A 291 14.08 -30.23 -20.70
C PHE A 291 13.73 -29.27 -21.83
N GLY A 292 13.55 -28.00 -21.49
CA GLY A 292 13.05 -27.00 -22.43
C GLY A 292 14.05 -25.94 -22.84
N ILE A 293 13.52 -24.81 -23.28
CA ILE A 293 14.32 -23.65 -23.70
C ILE A 293 15.44 -23.41 -22.68
N ARG A 294 16.68 -23.31 -23.15
CA ARG A 294 17.82 -23.11 -22.25
C ARG A 294 17.77 -21.71 -21.66
N PRO A 295 18.27 -21.54 -20.42
CA PRO A 295 18.36 -20.23 -19.79
C PRO A 295 19.03 -19.20 -20.69
N SER A 296 18.36 -18.08 -20.89
CA SER A 296 18.87 -17.02 -21.75
C SER A 296 18.14 -15.71 -21.53
N ALA A 297 18.90 -14.62 -21.55
CA ALA A 297 18.34 -13.29 -21.43
C ALA A 297 17.91 -12.72 -22.79
N ASN A 298 18.23 -13.43 -23.86
CA ASN A 298 17.75 -13.07 -25.21
C ASN A 298 16.38 -13.70 -25.45
N THR A 299 15.35 -13.00 -25.00
CA THR A 299 14.00 -13.58 -24.95
C THR A 299 13.09 -13.13 -26.10
N GLY A 300 13.52 -12.13 -26.85
CA GLY A 300 12.67 -11.54 -27.89
C GLY A 300 11.31 -11.11 -27.36
N ASP A 301 11.26 -10.67 -26.11
CA ASP A 301 10.02 -10.34 -25.42
C ASP A 301 10.17 -9.11 -24.55
N SER A 302 9.18 -8.21 -24.62
CA SER A 302 9.23 -6.93 -23.93
C SER A 302 9.25 -7.05 -22.40
N LEU A 303 8.69 -8.14 -21.88
CA LEU A 303 8.49 -8.27 -20.43
C LEU A 303 9.35 -9.34 -19.77
N LEU A 304 9.86 -10.27 -20.58
CA LEU A 304 10.66 -11.37 -20.03
C LEU A 304 12.14 -11.05 -19.92
N ASP A 305 12.63 -10.90 -18.68
CA ASP A 305 14.05 -10.69 -18.41
C ASP A 305 14.86 -11.89 -18.86
N SER A 306 14.36 -13.10 -18.60
CA SER A 306 15.13 -14.29 -18.91
C SER A 306 14.24 -15.53 -18.91
N PHE A 307 14.56 -16.46 -19.80
CA PHE A 307 14.14 -17.83 -19.63
C PHE A 307 15.04 -18.38 -18.55
N VAL A 308 14.50 -19.17 -17.64
CA VAL A 308 15.30 -19.74 -16.57
C VAL A 308 14.89 -21.19 -16.33
N TRP A 309 15.76 -21.93 -15.65
CA TRP A 309 15.44 -23.26 -15.12
C TRP A 309 15.40 -23.13 -13.62
N VAL A 310 14.21 -23.04 -13.04
CA VAL A 310 14.09 -22.81 -11.59
C VAL A 310 14.03 -24.15 -10.85
N LYS A 311 13.02 -24.96 -11.15
CA LYS A 311 12.95 -26.33 -10.65
C LYS A 311 13.99 -27.18 -11.39
N PRO A 312 14.97 -27.77 -10.65
CA PRO A 312 16.02 -28.56 -11.32
C PRO A 312 15.46 -29.92 -11.74
N GLY A 313 15.43 -30.17 -13.04
CA GLY A 313 14.80 -31.37 -13.58
C GLY A 313 15.57 -32.61 -13.14
N GLY A 314 14.84 -33.57 -12.57
CA GLY A 314 15.48 -34.73 -11.98
C GLY A 314 15.25 -34.76 -10.49
N GLU A 315 15.00 -33.58 -9.91
CA GLU A 315 14.68 -33.49 -8.49
C GLU A 315 13.17 -33.68 -8.33
N CYS A 316 12.78 -34.62 -7.48
CA CYS A 316 11.39 -35.07 -7.39
C CYS A 316 10.42 -34.02 -6.85
N ASP A 317 9.15 -34.09 -7.26
CA ASP A 317 8.11 -33.18 -6.78
C ASP A 317 7.38 -33.71 -5.54
N GLY A 318 7.55 -35.00 -5.25
CA GLY A 318 6.85 -35.62 -4.14
C GLY A 318 6.81 -37.14 -4.23
N THR A 319 6.69 -37.78 -3.07
CA THR A 319 6.67 -39.24 -3.00
C THR A 319 5.36 -39.83 -3.51
N SER A 320 5.45 -40.97 -4.18
CA SER A 320 4.28 -41.67 -4.67
C SER A 320 3.86 -42.79 -3.71
N ASP A 321 4.54 -42.86 -2.57
CA ASP A 321 4.28 -43.89 -1.57
C ASP A 321 3.16 -43.46 -0.65
N SER A 322 1.97 -44.02 -0.85
CA SER A 322 0.79 -43.66 -0.07
C SER A 322 0.98 -43.87 1.43
N SER A 323 1.93 -44.75 1.78
CA SER A 323 2.21 -45.07 3.18
C SER A 323 3.29 -44.20 3.80
N ALA A 324 3.90 -43.33 3.00
CA ALA A 324 5.01 -42.48 3.47
C ALA A 324 4.50 -41.12 3.97
N PRO A 325 5.35 -40.40 4.75
CA PRO A 325 5.01 -39.02 5.12
C PRO A 325 5.02 -38.12 3.90
N ARG A 326 4.24 -37.03 3.96
CA ARG A 326 4.15 -36.05 2.88
C ARG A 326 3.62 -36.66 1.57
N PHE A 327 2.81 -37.71 1.67
CA PHE A 327 2.18 -38.25 0.49
C PHE A 327 1.03 -37.35 0.04
N ASP A 328 1.10 -36.96 -1.22
CA ASP A 328 0.05 -36.17 -1.83
C ASP A 328 -0.50 -37.02 -2.96
N SER A 329 -1.82 -37.18 -2.99
CA SER A 329 -2.48 -38.05 -3.96
C SER A 329 -2.20 -37.67 -5.41
N HIS A 330 -1.83 -36.40 -5.66
CA HIS A 330 -1.42 -35.96 -6.99
C HIS A 330 -0.25 -36.72 -7.52
N CYS A 331 0.57 -37.25 -6.62
CA CYS A 331 1.79 -37.94 -7.01
C CYS A 331 1.54 -39.42 -7.37
N ALA A 332 0.29 -39.85 -7.21
CA ALA A 332 -0.11 -41.22 -7.57
C ALA A 332 -1.11 -41.26 -8.74
N LEU A 333 -1.30 -40.12 -9.40
CA LEU A 333 -2.20 -40.00 -10.57
C LEU A 333 -1.65 -40.71 -11.81
N PRO A 334 -2.52 -41.05 -12.79
CA PRO A 334 -2.08 -41.77 -14.00
C PRO A 334 -0.90 -41.13 -14.73
N ASP A 335 -0.84 -39.79 -14.70
CA ASP A 335 0.19 -39.05 -15.43
C ASP A 335 1.35 -38.60 -14.55
N ALA A 336 1.43 -39.17 -13.34
CA ALA A 336 2.56 -38.93 -12.43
C ALA A 336 3.51 -40.14 -12.48
N LEU A 337 4.78 -39.89 -12.76
CA LEU A 337 5.77 -40.96 -12.87
C LEU A 337 6.00 -41.64 -11.52
N GLN A 338 5.96 -42.97 -11.55
CA GLN A 338 6.03 -43.78 -10.34
C GLN A 338 6.93 -44.99 -10.58
N PRO A 339 7.58 -45.51 -9.53
CA PRO A 339 7.58 -45.03 -8.13
C PRO A 339 8.44 -43.77 -7.96
N ALA A 340 7.99 -42.85 -7.13
CA ALA A 340 8.70 -41.58 -6.90
C ALA A 340 9.18 -41.43 -5.47
N PRO A 341 10.41 -40.90 -5.27
CA PRO A 341 11.00 -40.65 -3.95
C PRO A 341 10.44 -39.37 -3.32
N GLN A 342 10.94 -38.99 -2.15
CA GLN A 342 10.51 -37.76 -1.48
C GLN A 342 10.79 -36.54 -2.37
N ALA A 343 9.95 -35.51 -2.21
CA ALA A 343 10.15 -34.23 -2.90
C ALA A 343 11.57 -33.73 -2.64
N GLY A 344 12.23 -33.27 -3.71
CA GLY A 344 13.59 -32.76 -3.63
C GLY A 344 14.68 -33.82 -3.82
N ALA A 345 14.32 -35.09 -3.65
CA ALA A 345 15.28 -36.19 -3.78
C ALA A 345 15.49 -36.51 -5.26
N TRP A 346 16.63 -37.10 -5.58
CA TRP A 346 16.92 -37.48 -6.96
C TRP A 346 15.97 -38.53 -7.47
N PHE A 347 15.45 -38.31 -8.67
CA PHE A 347 14.47 -39.19 -9.27
C PHE A 347 14.98 -39.59 -10.65
N GLN A 348 15.77 -40.66 -10.68
CA GLN A 348 16.52 -41.05 -11.87
C GLN A 348 15.66 -41.26 -13.12
N ALA A 349 14.59 -42.04 -12.99
CA ALA A 349 13.72 -42.32 -14.13
C ALA A 349 13.15 -41.01 -14.71
N TYR A 350 12.91 -40.03 -13.82
CA TYR A 350 12.40 -38.74 -14.27
C TYR A 350 13.45 -37.93 -15.03
N PHE A 351 14.66 -37.90 -14.50
CA PHE A 351 15.79 -37.29 -15.21
C PHE A 351 15.94 -37.91 -16.60
N VAL A 352 15.97 -39.24 -16.67
CA VAL A 352 16.07 -39.95 -17.95
C VAL A 352 14.98 -39.53 -18.93
N GLN A 353 13.74 -39.43 -18.45
CA GLN A 353 12.61 -38.94 -19.25
C GLN A 353 12.86 -37.53 -19.81
N LEU A 354 13.25 -36.60 -18.93
CA LEU A 354 13.52 -35.22 -19.33
C LEU A 354 14.63 -35.11 -20.38
N LEU A 355 15.67 -35.91 -20.19
CA LEU A 355 16.79 -35.98 -21.12
C LEU A 355 16.35 -36.55 -22.48
N THR A 356 15.60 -37.65 -22.45
CA THR A 356 15.08 -38.27 -23.67
C THR A 356 14.17 -37.32 -24.46
N ASN A 357 13.34 -36.55 -23.75
CA ASN A 357 12.35 -35.69 -24.38
C ASN A 357 12.81 -34.24 -24.58
N ALA A 358 14.07 -33.97 -24.24
CA ALA A 358 14.63 -32.62 -24.28
C ALA A 358 14.46 -31.92 -25.63
N ASN A 359 14.03 -30.67 -25.56
CA ASN A 359 13.89 -29.82 -26.73
C ASN A 359 14.17 -28.37 -26.34
N PRO A 360 15.34 -27.84 -26.74
CA PRO A 360 16.37 -28.43 -27.59
C PRO A 360 17.02 -29.68 -27.02
N SER A 361 17.31 -30.62 -27.91
CA SER A 361 17.87 -31.90 -27.53
C SER A 361 19.28 -31.77 -26.99
N PHE A 362 19.65 -32.65 -26.07
CA PHE A 362 21.03 -32.78 -25.65
C PHE A 362 21.70 -33.89 -26.44
N LEU A 363 20.89 -34.88 -26.83
CA LEU A 363 21.32 -35.98 -27.68
C LEU A 363 21.50 -35.50 -29.11
N THR B 1 -33.20 9.45 4.76
CA THR B 1 -32.19 8.70 3.97
C THR B 1 -30.77 9.09 4.38
N ALA B 2 -29.99 8.11 4.84
CA ALA B 2 -28.59 8.31 5.22
C ALA B 2 -27.69 8.45 4.01
N THR B 3 -27.92 7.61 3.01
CA THR B 3 -27.18 7.64 1.77
C THR B 3 -27.60 8.86 0.95
N TYR B 4 -26.80 9.22 -0.05
CA TYR B 4 -27.01 10.44 -0.82
C TYR B 4 -26.53 10.21 -2.25
N SER B 5 -27.10 10.94 -3.20
CA SER B 5 -26.78 10.73 -4.60
C SER B 5 -25.94 11.84 -5.22
N GLY B 6 -25.64 12.88 -4.43
CA GLY B 6 -24.82 14.01 -4.91
C GLY B 6 -24.16 14.78 -3.79
N ASN B 7 -24.58 16.04 -3.60
CA ASN B 7 -24.12 16.88 -2.49
C ASN B 7 -24.66 16.31 -1.18
N PRO B 8 -23.76 15.88 -0.27
CA PRO B 8 -24.19 15.21 0.95
C PRO B 8 -24.84 16.14 1.96
N PHE B 9 -24.80 17.46 1.71
CA PHE B 9 -25.44 18.42 2.57
C PHE B 9 -26.91 18.64 2.17
N VAL B 10 -27.32 18.09 1.04
CA VAL B 10 -28.72 18.20 0.59
C VAL B 10 -29.61 17.30 1.44
N GLY B 11 -30.71 17.87 1.93
CA GLY B 11 -31.73 17.09 2.63
C GLY B 11 -31.47 16.83 4.11
N VAL B 12 -30.33 17.31 4.60
CA VAL B 12 -29.97 17.13 6.00
C VAL B 12 -29.65 18.46 6.67
N THR B 13 -29.58 18.44 7.99
CA THR B 13 -29.23 19.60 8.77
C THR B 13 -28.02 19.24 9.64
N PRO B 14 -26.92 20.01 9.54
CA PRO B 14 -25.75 19.73 10.37
C PRO B 14 -26.07 19.92 11.86
N TRP B 15 -25.80 18.88 12.64
CA TRP B 15 -26.04 18.85 14.08
C TRP B 15 -24.94 19.56 14.78
N ALA B 16 -25.27 20.56 15.60
CA ALA B 16 -24.30 21.21 16.47
C ALA B 16 -24.00 20.30 17.65
N ASN B 17 -22.72 20.06 17.91
CA ASN B 17 -22.31 19.12 18.97
C ASN B 17 -22.29 19.72 20.39
N ALA B 18 -22.31 18.82 21.38
CA ALA B 18 -22.39 19.20 22.79
C ALA B 18 -21.06 19.63 23.42
N TYR B 19 -19.95 19.22 22.81
CA TYR B 19 -18.61 19.53 23.29
C TYR B 19 -18.32 21.02 23.17
N TYR B 20 -18.39 21.56 21.95
CA TYR B 20 -18.27 22.99 21.74
C TYR B 20 -19.35 23.78 22.51
N ALA B 21 -20.57 23.23 22.54
CA ALA B 21 -21.67 23.86 23.29
C ALA B 21 -21.29 23.99 24.77
N SER B 22 -20.72 22.93 25.32
CA SER B 22 -20.25 22.93 26.71
C SER B 22 -19.11 23.93 26.93
N GLU B 23 -18.15 23.99 26.00
CA GLU B 23 -17.06 24.95 26.10
C GLU B 23 -17.59 26.39 26.20
N VAL B 24 -18.50 26.74 25.31
CA VAL B 24 -19.05 28.09 25.27
C VAL B 24 -19.88 28.39 26.52
N SER B 25 -20.71 27.43 26.89
CA SER B 25 -21.67 27.65 27.98
C SER B 25 -21.04 27.60 29.36
N SER B 26 -19.95 26.86 29.48
CA SER B 26 -19.34 26.62 30.79
C SER B 26 -17.95 27.23 30.97
N LEU B 27 -17.32 27.64 29.88
CA LEU B 27 -16.02 28.32 29.95
C LEU B 27 -16.08 29.78 29.50
N ALA B 28 -16.95 30.09 28.56
CA ALA B 28 -17.02 31.44 27.97
C ALA B 28 -18.11 32.31 28.60
N ILE B 29 -19.35 31.84 28.55
CA ILE B 29 -20.50 32.59 29.08
C ILE B 29 -20.31 33.07 30.54
N PRO B 30 -19.76 32.23 31.44
CA PRO B 30 -19.59 32.71 32.82
C PRO B 30 -18.71 33.97 32.94
N SER B 31 -17.94 34.27 31.91
CA SER B 31 -17.06 35.42 31.88
C SER B 31 -17.61 36.56 31.04
N LEU B 32 -18.84 36.39 30.56
CA LEU B 32 -19.49 37.41 29.75
C LEU B 32 -20.72 37.94 30.46
N THR B 33 -21.17 39.13 30.05
CA THR B 33 -22.38 39.71 30.61
C THR B 33 -23.23 40.34 29.51
N GLY B 34 -24.53 40.47 29.78
CA GLY B 34 -25.45 41.17 28.88
C GLY B 34 -25.40 40.72 27.44
N ALA B 35 -25.25 41.68 26.53
CA ALA B 35 -25.33 41.43 25.09
C ALA B 35 -24.34 40.36 24.62
N MET B 36 -23.15 40.35 25.22
CA MET B 36 -22.10 39.40 24.82
C MET B 36 -22.42 37.97 25.26
N ALA B 37 -23.01 37.82 26.45
CA ALA B 37 -23.44 36.51 26.92
C ALA B 37 -24.54 35.93 26.02
N THR B 38 -25.50 36.77 25.66
CA THR B 38 -26.58 36.38 24.75
C THR B 38 -26.03 35.99 23.37
N ALA B 39 -25.14 36.82 22.84
CA ALA B 39 -24.46 36.54 21.57
C ALA B 39 -23.70 35.21 21.59
N ALA B 40 -22.99 34.95 22.70
CA ALA B 40 -22.21 33.72 22.86
C ALA B 40 -23.09 32.47 22.87
N ALA B 41 -24.24 32.56 23.52
CA ALA B 41 -25.22 31.46 23.55
C ALA B 41 -25.62 31.02 22.14
N ALA B 42 -25.74 31.99 21.24
CA ALA B 42 -26.14 31.75 19.86
C ALA B 42 -25.05 31.04 19.06
N VAL B 43 -23.80 31.40 19.30
CA VAL B 43 -22.64 30.76 18.65
C VAL B 43 -22.59 29.26 18.93
N ALA B 44 -22.96 28.88 20.16
CA ALA B 44 -22.95 27.48 20.56
C ALA B 44 -23.91 26.63 19.74
N LYS B 45 -24.90 27.27 19.13
CA LYS B 45 -25.89 26.57 18.31
C LYS B 45 -25.48 26.44 16.84
N VAL B 46 -24.45 27.19 16.45
CA VAL B 46 -23.93 27.12 15.09
C VAL B 46 -23.11 25.82 14.94
N PRO B 47 -23.50 24.96 13.99
CA PRO B 47 -22.82 23.66 13.91
C PRO B 47 -21.39 23.84 13.42
N SER B 48 -20.44 23.46 14.27
CA SER B 48 -19.04 23.41 13.92
C SER B 48 -18.57 21.96 14.08
N PHE B 49 -17.52 21.59 13.35
CA PHE B 49 -17.04 20.21 13.35
C PHE B 49 -16.42 19.82 14.68
N MET B 50 -16.67 18.58 15.10
CA MET B 50 -16.02 18.01 16.28
C MET B 50 -14.73 17.32 15.83
N TRP B 51 -13.63 17.68 16.49
CA TRP B 51 -12.32 17.13 16.15
C TRP B 51 -12.01 15.92 16.98
N LEU B 52 -11.70 14.83 16.30
CA LEU B 52 -11.29 13.59 16.96
C LEU B 52 -9.76 13.58 17.08
N ASP B 53 -9.24 14.50 17.88
CA ASP B 53 -7.79 14.73 17.97
C ASP B 53 -7.03 13.72 18.84
N THR B 54 -7.77 12.90 19.59
CA THR B 54 -7.19 11.74 20.28
C THR B 54 -8.10 10.53 20.05
N LEU B 55 -7.58 9.34 20.32
CA LEU B 55 -8.41 8.14 20.31
C LEU B 55 -9.50 8.27 21.37
N ASP B 56 -9.12 8.94 22.47
CA ASP B 56 -10.01 9.28 23.59
C ASP B 56 -11.25 10.08 23.22
N LYS B 57 -11.23 10.71 22.05
CA LYS B 57 -12.35 11.51 21.58
C LYS B 57 -13.43 10.69 20.88
N THR B 58 -13.09 9.48 20.46
CA THR B 58 -14.03 8.65 19.71
C THR B 58 -15.36 8.34 20.46
N PRO B 59 -15.30 8.18 21.80
CA PRO B 59 -16.59 8.05 22.50
C PRO B 59 -17.49 9.29 22.41
N LEU B 60 -16.88 10.47 22.31
CA LEU B 60 -17.65 11.71 22.05
C LEU B 60 -18.32 11.69 20.68
N MET B 61 -17.65 11.12 19.69
CA MET B 61 -18.24 10.95 18.36
C MET B 61 -19.46 10.01 18.41
N GLU B 62 -19.26 8.85 19.04
CA GLU B 62 -20.30 7.83 19.12
C GLU B 62 -21.53 8.32 19.88
N GLN B 63 -21.31 9.17 20.88
CA GLN B 63 -22.40 9.78 21.64
C GLN B 63 -23.15 10.80 20.79
N THR B 64 -22.40 11.62 20.06
CA THR B 64 -22.98 12.60 19.14
C THR B 64 -23.90 11.88 18.14
N LEU B 65 -23.46 10.73 17.65
CA LEU B 65 -24.25 9.93 16.72
C LEU B 65 -25.48 9.31 17.41
N ALA B 66 -25.30 8.79 18.62
CA ALA B 66 -26.43 8.30 19.42
C ALA B 66 -27.50 9.35 19.57
N ASP B 67 -27.08 10.56 19.96
CA ASP B 67 -27.97 11.72 20.10
C ASP B 67 -28.75 12.04 18.83
N ILE B 68 -28.06 12.02 17.69
CA ILE B 68 -28.69 12.27 16.38
C ILE B 68 -29.68 11.17 16.02
N ARG B 69 -29.31 9.91 16.28
CA ARG B 69 -30.20 8.77 16.06
C ARG B 69 -31.50 8.92 16.84
N THR B 70 -31.40 9.50 18.04
CA THR B 70 -32.59 9.76 18.85
C THR B 70 -33.48 10.82 18.21
N ALA B 71 -32.87 11.92 17.77
CA ALA B 71 -33.61 13.00 17.11
C ALA B 71 -34.20 12.54 15.78
N ASN B 72 -33.41 11.85 14.98
CA ASN B 72 -33.86 11.37 13.66
C ASN B 72 -35.00 10.35 13.72
N LYS B 73 -34.98 9.50 14.75
CA LYS B 73 -36.09 8.56 15.00
C LYS B 73 -37.37 9.32 15.38
N ASN B 74 -37.19 10.51 15.94
CA ASN B 74 -38.31 11.42 16.21
C ASN B 74 -38.64 12.34 15.04
N GLY B 75 -38.01 12.09 13.89
CA GLY B 75 -38.36 12.77 12.65
C GLY B 75 -37.40 13.86 12.22
N GLY B 76 -36.25 13.94 12.88
CA GLY B 76 -35.20 14.87 12.49
C GLY B 76 -34.49 14.40 11.24
N ASN B 77 -33.78 15.32 10.59
CA ASN B 77 -32.89 14.99 9.48
C ASN B 77 -31.47 15.48 9.75
N TYR B 78 -30.93 15.09 10.91
CA TYR B 78 -29.62 15.56 11.33
C TYR B 78 -28.48 14.72 10.81
N ALA B 79 -27.36 15.40 10.59
CA ALA B 79 -26.14 14.79 10.10
C ALA B 79 -25.01 15.14 11.06
N GLY B 80 -24.06 14.23 11.22
CA GLY B 80 -22.91 14.46 12.11
C GLY B 80 -21.72 14.99 11.35
N GLN B 81 -20.91 15.80 12.04
CA GLN B 81 -19.71 16.44 11.45
C GLN B 81 -18.47 16.25 12.31
N PHE B 82 -17.46 15.56 11.76
CA PHE B 82 -16.27 15.22 12.54
C PHE B 82 -15.00 15.40 11.75
N VAL B 83 -13.92 15.74 12.45
CA VAL B 83 -12.59 15.82 11.85
C VAL B 83 -11.75 14.65 12.31
N VAL B 84 -11.24 13.88 11.33
CA VAL B 84 -10.27 12.80 11.57
C VAL B 84 -8.89 13.45 11.62
N TYR B 85 -8.25 13.42 12.78
CA TYR B 85 -7.05 14.20 13.02
C TYR B 85 -6.13 13.56 14.07
N ASP B 86 -5.42 12.51 13.69
CA ASP B 86 -4.56 11.85 14.66
C ASP B 86 -3.45 11.07 13.96
N LEU B 87 -3.04 11.54 12.79
CA LEU B 87 -1.90 10.93 12.10
C LEU B 87 -0.69 10.80 13.04
N PRO B 88 0.12 9.73 12.88
CA PRO B 88 1.37 9.69 13.65
C PRO B 88 2.34 10.73 13.08
N ASP B 89 3.13 11.34 13.95
CA ASP B 89 3.94 12.52 13.59
C ASP B 89 3.07 13.59 12.92
N ARG B 90 1.98 13.91 13.60
CA ARG B 90 1.01 14.89 13.15
C ARG B 90 1.61 16.30 13.08
N ASP B 91 1.06 17.13 12.19
CA ASP B 91 1.36 18.57 12.11
C ASP B 91 2.86 18.77 11.82
N CYS B 92 3.36 18.07 10.81
CA CYS B 92 4.81 17.85 10.69
C CYS B 92 5.67 19.09 10.48
N ALA B 93 5.07 20.16 9.94
CA ALA B 93 5.82 21.40 9.66
C ALA B 93 5.64 22.43 10.78
N ALA B 94 5.00 22.04 11.87
CA ALA B 94 4.78 22.94 12.97
C ALA B 94 5.07 22.26 14.29
N LEU B 95 5.09 23.04 15.38
CA LEU B 95 5.38 22.46 16.69
C LEU B 95 4.17 22.49 17.62
N ALA B 96 3.13 23.23 17.24
CA ALA B 96 2.04 23.56 18.17
C ALA B 96 1.06 22.43 18.43
N SER B 97 0.87 21.57 17.43
CA SER B 97 -0.18 20.56 17.50
C SER B 97 0.31 19.13 17.27
N ASN B 98 1.54 18.85 17.70
CA ASN B 98 2.04 17.48 17.72
C ASN B 98 1.04 16.58 18.47
N GLY B 99 0.89 15.33 18.02
CA GLY B 99 -0.12 14.44 18.58
C GLY B 99 0.39 13.30 19.44
N GLU B 100 -0.53 12.40 19.80
CA GLU B 100 -0.26 11.29 20.72
C GLU B 100 0.52 10.14 20.08
N TYR B 101 0.53 10.07 18.75
CA TYR B 101 1.20 8.97 18.08
C TYR B 101 2.44 9.41 17.30
N SER B 102 3.45 8.54 17.29
CA SER B 102 4.66 8.78 16.52
C SER B 102 4.98 7.57 15.66
N ILE B 103 5.49 7.85 14.46
CA ILE B 103 5.86 6.79 13.52
C ILE B 103 6.88 5.83 14.14
N ALA B 104 7.85 6.39 14.84
CA ALA B 104 8.92 5.60 15.45
C ALA B 104 8.38 4.60 16.47
N ASP B 105 7.29 4.96 17.14
CA ASP B 105 6.70 4.12 18.17
C ASP B 105 5.38 3.47 17.73
N GLY B 106 5.45 2.71 16.64
CA GLY B 106 4.30 1.96 16.13
C GLY B 106 3.09 2.82 15.78
N GLY B 107 3.36 4.04 15.33
CA GLY B 107 2.31 5.02 15.06
C GLY B 107 1.35 4.66 13.94
N VAL B 108 1.86 3.97 12.92
CA VAL B 108 1.01 3.54 11.80
C VAL B 108 0.00 2.49 12.27
N ALA B 109 0.47 1.52 13.04
CA ALA B 109 -0.42 0.51 13.64
C ALA B 109 -1.47 1.12 14.56
N LYS B 110 -1.05 2.07 15.40
CA LYS B 110 -1.99 2.75 16.30
C LYS B 110 -3.00 3.58 15.50
N TYR B 111 -2.54 4.22 14.42
CA TYR B 111 -3.46 4.99 13.57
C TYR B 111 -4.52 4.08 12.94
N LYS B 112 -4.07 2.93 12.45
CA LYS B 112 -5.00 1.96 11.87
C LYS B 112 -6.08 1.54 12.89
N ASN B 113 -5.67 1.32 14.14
CA ASN B 113 -6.62 1.04 15.23
C ASN B 113 -7.58 2.19 15.50
N TYR B 114 -7.07 3.42 15.40
CA TYR B 114 -7.91 4.62 15.50
C TYR B 114 -8.95 4.66 14.37
N ILE B 115 -8.53 4.41 13.13
CA ILE B 115 -9.46 4.33 11.99
C ILE B 115 -10.47 3.20 12.17
N ASP B 116 -9.97 2.03 12.57
CA ASP B 116 -10.84 0.87 12.87
C ASP B 116 -11.94 1.25 13.84
N THR B 117 -11.57 2.03 14.86
CA THR B 117 -12.51 2.47 15.89
C THR B 117 -13.59 3.36 15.28
N ILE B 118 -13.16 4.32 14.48
CA ILE B 118 -14.09 5.22 13.81
C ILE B 118 -14.99 4.44 12.85
N ARG B 119 -14.43 3.48 12.10
CA ARG B 119 -15.23 2.66 11.19
C ARG B 119 -16.34 1.92 11.92
N GLN B 120 -15.99 1.27 13.04
CA GLN B 120 -16.99 0.56 13.85
C GLN B 120 -18.15 1.46 14.27
N ILE B 121 -17.83 2.69 14.66
CA ILE B 121 -18.85 3.66 15.05
C ILE B 121 -19.73 4.02 13.83
N VAL B 122 -19.11 4.21 12.67
CA VAL B 122 -19.85 4.58 11.45
C VAL B 122 -20.68 3.42 10.89
N VAL B 123 -20.11 2.21 10.95
CA VAL B 123 -20.83 0.99 10.55
C VAL B 123 -22.07 0.80 11.42
N GLU B 124 -21.94 1.09 12.72
CA GLU B 124 -23.08 0.97 13.63
C GLU B 124 -24.16 1.98 13.29
N TYR B 125 -23.74 3.20 12.99
CA TYR B 125 -24.68 4.28 12.70
C TYR B 125 -24.78 4.54 11.20
N SER B 126 -24.93 3.46 10.45
CA SER B 126 -25.12 3.51 9.01
C SER B 126 -26.38 4.30 8.64
N ASP B 127 -27.16 4.64 9.65
CA ASP B 127 -28.45 5.31 9.48
C ASP B 127 -28.33 6.83 9.51
N ILE B 128 -27.22 7.34 10.03
CA ILE B 128 -26.96 8.78 10.13
C ILE B 128 -25.92 9.21 9.10
N ARG B 129 -26.24 10.24 8.32
CA ARG B 129 -25.26 10.78 7.39
C ARG B 129 -24.11 11.44 8.13
N THR B 130 -22.89 11.07 7.75
CA THR B 130 -21.71 11.45 8.51
C THR B 130 -20.71 12.16 7.61
N LEU B 131 -20.43 13.42 7.95
CA LEU B 131 -19.58 14.29 7.14
C LEU B 131 -18.21 14.42 7.83
N LEU B 132 -17.15 14.09 7.10
CA LEU B 132 -15.82 13.98 7.69
C LEU B 132 -14.82 14.84 6.94
N VAL B 133 -13.98 15.54 7.69
CA VAL B 133 -12.78 16.18 7.15
C VAL B 133 -11.60 15.29 7.48
N ILE B 134 -10.82 14.92 6.47
CA ILE B 134 -9.69 14.01 6.68
C ILE B 134 -8.34 14.74 6.85
N GLU B 135 -7.83 14.71 8.08
CA GLU B 135 -6.44 15.06 8.41
C GLU B 135 -5.93 16.44 7.93
N PRO B 136 -6.43 17.52 8.55
CA PRO B 136 -5.93 18.85 8.27
C PRO B 136 -4.40 18.97 8.35
N ALA B 137 -3.84 19.72 7.40
N ALA B 137 -3.82 19.76 7.46
CA ALA B 137 -2.40 20.06 7.31
CA ALA B 137 -2.38 20.02 7.44
C ALA B 137 -1.51 19.03 6.60
C ALA B 137 -1.50 18.77 7.45
N SER B 138 -1.92 17.76 6.66
CA SER B 138 -1.06 16.60 6.34
C SER B 138 -0.60 16.61 4.88
N LEU B 139 -1.53 16.39 3.96
CA LEU B 139 -1.21 16.37 2.52
C LEU B 139 -0.63 17.70 2.04
N ALA B 140 -1.15 18.79 2.56
CA ALA B 140 -0.67 20.11 2.18
C ALA B 140 0.82 20.24 2.50
N ASN B 141 1.25 19.68 3.64
CA ASN B 141 2.67 19.66 4.02
C ASN B 141 3.54 18.84 3.08
N LEU B 142 2.95 17.82 2.46
CA LEU B 142 3.68 16.99 1.49
C LEU B 142 3.85 17.72 0.15
N VAL B 143 3.13 18.82 -0.03
CA VAL B 143 3.30 19.65 -1.22
C VAL B 143 4.41 20.68 -1.03
N THR B 144 4.40 21.39 0.10
CA THR B 144 5.27 22.56 0.27
C THR B 144 6.35 22.41 1.33
N ASN B 145 6.25 21.37 2.16
CA ASN B 145 7.19 21.19 3.28
C ASN B 145 7.96 19.88 3.28
N LEU B 146 8.23 19.35 2.09
CA LEU B 146 9.11 18.19 1.99
C LEU B 146 10.51 18.53 2.47
N GLY B 147 10.81 19.83 2.53
CA GLY B 147 12.06 20.33 3.09
C GLY B 147 12.18 20.28 4.60
N THR B 148 11.10 19.90 5.28
CA THR B 148 11.14 19.65 6.72
C THR B 148 11.28 18.15 6.94
N PRO B 149 12.40 17.72 7.56
CA PRO B 149 12.69 16.29 7.73
C PRO B 149 11.55 15.49 8.37
N LYS B 150 10.85 16.06 9.35
CA LYS B 150 9.72 15.38 9.99
C LYS B 150 8.64 15.07 8.95
N CYS B 151 8.39 15.99 8.03
CA CYS B 151 7.45 15.75 6.92
C CYS B 151 8.00 14.74 5.91
N ALA B 152 9.26 14.92 5.52
CA ALA B 152 9.92 14.03 4.56
C ALA B 152 9.91 12.60 5.08
N ASN B 153 10.23 12.46 6.37
CA ASN B 153 10.24 11.15 7.04
C ASN B 153 8.84 10.56 7.20
N ALA B 154 7.84 11.43 7.29
CA ALA B 154 6.45 10.99 7.52
C ALA B 154 5.68 10.70 6.24
N GLN B 155 6.27 11.01 5.07
CA GLN B 155 5.53 10.94 3.82
C GLN B 155 4.89 9.56 3.58
N SER B 156 5.69 8.51 3.70
CA SER B 156 5.19 7.14 3.54
C SER B 156 4.05 6.82 4.49
N ALA B 157 4.26 7.12 5.77
CA ALA B 157 3.24 6.86 6.78
C ALA B 157 1.95 7.63 6.50
N TYR B 158 2.08 8.91 6.16
CA TYR B 158 0.93 9.74 5.81
C TYR B 158 0.11 9.11 4.70
N LEU B 159 0.78 8.67 3.63
CA LEU B 159 0.08 8.16 2.47
C LEU B 159 -0.57 6.81 2.78
N GLU B 160 0.15 5.97 3.52
CA GLU B 160 -0.41 4.70 3.97
C GLU B 160 -1.62 4.91 4.89
N CYS B 161 -1.50 5.81 5.86
CA CYS B 161 -2.57 6.08 6.82
C CYS B 161 -3.80 6.72 6.19
N ILE B 162 -3.58 7.71 5.30
CA ILE B 162 -4.69 8.34 4.58
C ILE B 162 -5.41 7.36 3.66
N ASN B 163 -4.64 6.49 2.99
CA ASN B 163 -5.23 5.44 2.15
C ASN B 163 -6.13 4.56 3.00
N TYR B 164 -5.63 4.19 4.18
CA TYR B 164 -6.38 3.36 5.13
C TYR B 164 -7.64 4.08 5.61
N ALA B 165 -7.52 5.38 5.88
CA ALA B 165 -8.68 6.16 6.34
C ALA B 165 -9.79 6.21 5.29
N VAL B 166 -9.44 6.59 4.07
CA VAL B 166 -10.46 6.79 3.03
C VAL B 166 -11.03 5.48 2.48
N THR B 167 -10.30 4.37 2.64
CA THR B 167 -10.80 3.06 2.18
C THR B 167 -11.66 2.41 3.25
N GLN B 168 -11.24 2.53 4.51
CA GLN B 168 -11.98 1.95 5.64
C GLN B 168 -13.21 2.75 6.05
N LEU B 169 -13.21 4.04 5.77
CA LEU B 169 -14.38 4.86 6.09
C LEU B 169 -15.27 5.10 4.86
N ASN B 170 -14.97 4.35 3.78
CA ASN B 170 -15.73 4.40 2.53
C ASN B 170 -17.02 3.62 2.73
N LEU B 171 -18.00 4.30 3.34
CA LEU B 171 -19.28 3.71 3.65
C LEU B 171 -20.39 4.56 3.04
N PRO B 172 -21.58 3.97 2.81
CA PRO B 172 -22.59 4.68 2.02
C PRO B 172 -23.26 5.86 2.74
N ASN B 173 -23.11 5.94 4.05
CA ASN B 173 -23.62 7.08 4.82
C ASN B 173 -22.56 8.18 5.01
N VAL B 174 -21.37 7.96 4.47
CA VAL B 174 -20.24 8.84 4.71
C VAL B 174 -19.96 9.78 3.54
N ALA B 175 -19.63 11.04 3.84
CA ALA B 175 -18.98 11.91 2.87
C ALA B 175 -17.67 12.39 3.46
N MET B 176 -16.57 12.11 2.75
CA MET B 176 -15.25 12.55 3.19
C MET B 176 -14.76 13.71 2.33
N TYR B 177 -14.07 14.65 2.98
CA TYR B 177 -13.43 15.76 2.30
C TYR B 177 -11.98 15.79 2.78
N LEU B 178 -11.03 15.49 1.87
CA LEU B 178 -9.61 15.52 2.27
C LEU B 178 -9.22 16.96 2.51
N ASP B 179 -8.48 17.22 3.60
CA ASP B 179 -8.01 18.58 3.78
C ASP B 179 -7.06 18.96 2.63
N ALA B 180 -7.21 20.19 2.15
CA ALA B 180 -6.45 20.68 1.00
C ALA B 180 -5.87 22.07 1.24
N GLY B 181 -5.50 22.37 2.47
CA GLY B 181 -4.95 23.71 2.78
C GLY B 181 -5.86 24.86 2.39
N HIS B 182 -5.29 25.92 1.81
CA HIS B 182 -6.06 27.13 1.48
C HIS B 182 -5.38 27.94 0.39
N ALA B 183 -6.02 29.03 -0.05
CA ALA B 183 -5.53 29.84 -1.17
C ALA B 183 -4.09 30.35 -0.98
N GLY B 184 -3.76 30.68 0.27
CA GLY B 184 -2.43 31.19 0.63
C GLY B 184 -1.42 30.11 0.93
N TRP B 185 -1.78 28.86 0.65
CA TRP B 185 -0.89 27.73 0.84
C TRP B 185 -0.68 27.02 -0.48
N LEU B 186 -1.73 26.40 -1.00
CA LEU B 186 -1.65 25.63 -2.24
C LEU B 186 -2.20 26.39 -3.45
N GLY B 187 -2.74 27.57 -3.21
CA GLY B 187 -3.31 28.42 -4.26
C GLY B 187 -2.27 29.13 -5.10
N TRP B 188 -1.06 29.27 -4.55
CA TRP B 188 0.10 29.77 -5.28
C TRP B 188 0.33 29.03 -6.56
N PRO B 189 0.75 29.74 -7.62
CA PRO B 189 0.78 29.12 -8.95
C PRO B 189 1.62 27.84 -8.98
N ALA B 190 2.80 27.87 -8.37
CA ALA B 190 3.73 26.74 -8.41
C ALA B 190 3.26 25.55 -7.55
N ASN B 191 2.23 25.76 -6.73
CA ASN B 191 1.73 24.72 -5.85
C ASN B 191 0.48 23.99 -6.33
N GLN B 192 -0.24 24.61 -7.26
CA GLN B 192 -1.55 24.12 -7.70
C GLN B 192 -1.52 22.71 -8.30
N ASP B 193 -0.65 22.52 -9.29
CA ASP B 193 -0.57 21.23 -9.97
C ASP B 193 0.00 20.10 -9.08
N PRO B 194 1.11 20.35 -8.35
CA PRO B 194 1.60 19.31 -7.44
C PRO B 194 0.54 18.90 -6.41
N ALA B 195 -0.22 19.89 -5.92
CA ALA B 195 -1.32 19.62 -5.00
C ALA B 195 -2.41 18.75 -5.65
N ALA B 196 -2.90 19.19 -6.81
CA ALA B 196 -3.92 18.45 -7.56
C ALA B 196 -3.49 17.01 -7.84
N GLN B 197 -2.21 16.83 -8.21
CA GLN B 197 -1.64 15.52 -8.48
C GLN B 197 -1.74 14.64 -7.25
N LEU B 198 -1.35 15.21 -6.12
CA LEU B 198 -1.32 14.48 -4.86
C LEU B 198 -2.73 14.05 -4.46
N PHE B 199 -3.69 14.97 -4.54
CA PHE B 199 -5.08 14.66 -4.15
C PHE B 199 -5.70 13.61 -5.07
N ALA B 200 -5.51 13.78 -6.37
CA ALA B 200 -6.00 12.81 -7.34
C ALA B 200 -5.35 11.44 -7.16
N ASN B 201 -4.05 11.42 -6.87
CA ASN B 201 -3.36 10.15 -6.59
C ASN B 201 -3.85 9.45 -5.32
N VAL B 202 -4.18 10.23 -4.28
CA VAL B 202 -4.81 9.64 -3.08
C VAL B 202 -6.13 8.96 -3.48
N TYR B 203 -6.92 9.67 -4.26
CA TYR B 203 -8.24 9.18 -4.70
C TYR B 203 -8.06 7.94 -5.57
N LYS B 204 -7.20 8.04 -6.58
CA LYS B 204 -6.98 6.93 -7.52
C LYS B 204 -6.41 5.70 -6.82
N ASN B 205 -5.40 5.92 -5.98
CA ASN B 205 -4.75 4.83 -5.22
C ASN B 205 -5.68 4.11 -4.27
N ALA B 206 -6.75 4.79 -3.85
CA ALA B 206 -7.75 4.19 -2.97
C ALA B 206 -8.90 3.54 -3.76
N SER B 207 -8.68 3.34 -5.06
CA SER B 207 -9.67 2.73 -5.96
C SER B 207 -10.92 3.59 -6.13
N SER B 208 -10.73 4.91 -6.15
CA SER B 208 -11.81 5.87 -6.38
C SER B 208 -13.02 5.70 -5.46
N PRO B 209 -12.80 5.85 -4.13
CA PRO B 209 -13.85 5.59 -3.15
C PRO B 209 -15.08 6.49 -3.32
N ARG B 210 -16.27 5.88 -3.36
CA ARG B 210 -17.51 6.62 -3.60
C ARG B 210 -17.83 7.61 -2.48
N ALA B 211 -17.39 7.33 -1.26
CA ALA B 211 -17.63 8.21 -0.12
C ALA B 211 -16.68 9.41 -0.11
N LEU B 212 -15.63 9.36 -0.92
CA LEU B 212 -14.68 10.47 -1.02
C LEU B 212 -15.23 11.54 -1.98
N ARG B 213 -15.86 12.55 -1.39
CA ARG B 213 -16.63 13.54 -2.10
C ARG B 213 -15.73 14.62 -2.73
N GLY B 214 -14.65 14.97 -2.04
CA GLY B 214 -13.74 16.00 -2.54
C GLY B 214 -12.76 16.52 -1.51
N LEU B 215 -12.62 17.85 -1.47
CA LEU B 215 -11.63 18.50 -0.63
C LEU B 215 -12.22 19.54 0.32
N ALA B 216 -11.54 19.73 1.46
CA ALA B 216 -11.91 20.78 2.42
C ALA B 216 -10.83 21.85 2.38
N THR B 217 -11.23 23.12 2.40
CA THR B 217 -10.28 24.22 2.31
C THR B 217 -10.41 25.20 3.47
N ASN B 218 -9.34 25.97 3.70
CA ASN B 218 -9.31 27.04 4.70
C ASN B 218 -9.46 26.55 6.15
N VAL B 219 -9.31 25.23 6.37
CA VAL B 219 -9.51 24.65 7.71
C VAL B 219 -8.49 25.22 8.68
N ALA B 220 -9.01 25.79 9.78
CA ALA B 220 -8.20 26.50 10.77
C ALA B 220 -7.47 27.72 10.18
N ASN B 221 -7.88 28.16 8.99
CA ASN B 221 -7.37 29.42 8.46
C ASN B 221 -8.47 30.49 8.36
N TYR B 222 -8.19 31.58 7.67
CA TYR B 222 -8.97 32.80 7.85
C TYR B 222 -9.32 33.50 6.55
N ASN B 223 -9.04 32.87 5.41
CA ASN B 223 -9.25 33.54 4.12
C ASN B 223 -10.69 33.87 3.86
N GLY B 224 -10.91 34.95 3.10
CA GLY B 224 -12.25 35.29 2.64
C GLY B 224 -12.74 34.24 1.67
N TRP B 225 -14.05 34.05 1.62
CA TRP B 225 -14.67 33.18 0.62
C TRP B 225 -14.60 33.81 -0.75
N ASN B 226 -15.19 34.99 -0.89
CA ASN B 226 -15.36 35.60 -2.20
C ASN B 226 -15.10 37.09 -2.21
N ILE B 227 -14.37 37.57 -1.21
CA ILE B 227 -13.95 38.98 -1.16
C ILE B 227 -13.38 39.44 -2.50
N THR B 228 -13.76 40.64 -2.90
CA THR B 228 -13.43 41.14 -4.24
C THR B 228 -12.26 42.12 -4.15
N SER B 229 -11.82 42.39 -2.93
CA SER B 229 -10.67 43.26 -2.68
C SER B 229 -9.54 42.42 -2.11
N PRO B 230 -8.49 42.17 -2.91
CA PRO B 230 -7.37 41.37 -2.40
C PRO B 230 -6.63 42.05 -1.25
N PRO B 231 -6.46 41.34 -0.13
CA PRO B 231 -5.71 41.91 0.99
C PRO B 231 -4.24 42.09 0.68
N SER B 232 -3.62 43.09 1.31
CA SER B 232 -2.22 43.43 1.08
C SER B 232 -1.29 42.23 1.20
N TYR B 233 -1.58 41.37 2.17
CA TYR B 233 -0.74 40.20 2.45
C TYR B 233 -0.87 39.11 1.36
N THR B 234 -1.83 39.26 0.45
CA THR B 234 -1.98 38.32 -0.68
C THR B 234 -1.16 38.70 -1.91
N GLN B 235 -0.50 39.85 -1.86
CA GLN B 235 0.29 40.37 -2.99
C GLN B 235 1.20 39.31 -3.58
N GLY B 236 1.15 39.18 -4.90
CA GLY B 236 1.90 38.13 -5.60
C GLY B 236 1.05 36.94 -5.98
N ASN B 237 -0.13 36.82 -5.37
CA ASN B 237 -1.02 35.69 -5.64
C ASN B 237 -2.37 36.06 -6.29
N ALA B 238 -2.56 35.63 -7.54
CA ALA B 238 -3.82 35.82 -8.25
C ALA B 238 -4.99 35.12 -7.55
N VAL B 239 -4.67 34.07 -6.79
CA VAL B 239 -5.67 33.33 -6.02
C VAL B 239 -5.68 33.86 -4.58
N TYR B 240 -6.51 34.87 -4.34
CA TYR B 240 -6.50 35.60 -3.06
C TYR B 240 -7.68 35.29 -2.16
N ASN B 241 -8.57 34.41 -2.61
CA ASN B 241 -9.65 33.92 -1.74
C ASN B 241 -9.95 32.46 -2.02
N GLU B 242 -10.88 31.89 -1.26
CA GLU B 242 -11.12 30.45 -1.31
C GLU B 242 -11.92 30.07 -2.56
N LYS B 243 -12.82 30.95 -2.99
CA LYS B 243 -13.57 30.71 -4.22
C LYS B 243 -12.63 30.58 -5.41
N LEU B 244 -11.71 31.52 -5.54
CA LEU B 244 -10.70 31.43 -6.61
C LEU B 244 -9.88 30.15 -6.50
N TYR B 245 -9.56 29.75 -5.28
CA TYR B 245 -8.80 28.55 -5.02
C TYR B 245 -9.51 27.28 -5.49
N ILE B 246 -10.76 27.07 -5.07
CA ILE B 246 -11.45 25.83 -5.44
C ILE B 246 -11.72 25.77 -6.95
N HIS B 247 -11.97 26.93 -7.55
CA HIS B 247 -12.23 26.99 -8.99
C HIS B 247 -11.00 26.82 -9.81
N ALA B 248 -9.84 27.02 -9.20
CA ALA B 248 -8.54 26.74 -9.85
C ALA B 248 -8.12 25.27 -9.72
N ILE B 249 -8.26 24.72 -8.52
CA ILE B 249 -7.80 23.34 -8.25
CA ILE B 249 -7.78 23.36 -8.28
C ILE B 249 -8.77 22.29 -8.79
N GLY B 250 -10.07 22.57 -8.69
CA GLY B 250 -11.10 21.62 -9.14
C GLY B 250 -10.86 21.07 -10.54
N PRO B 251 -10.70 21.95 -11.54
CA PRO B 251 -10.45 21.45 -12.91
C PRO B 251 -9.19 20.60 -13.01
N LEU B 252 -8.18 20.92 -12.21
CA LEU B 252 -6.93 20.19 -12.18
C LEU B 252 -7.09 18.78 -11.58
N LEU B 253 -8.00 18.63 -10.62
CA LEU B 253 -8.35 17.32 -10.11
C LEU B 253 -8.92 16.45 -11.23
N ALA B 254 -9.87 17.02 -11.97
CA ALA B 254 -10.50 16.36 -13.12
C ALA B 254 -9.45 15.95 -14.14
N ASN B 255 -8.56 16.89 -14.48
CA ASN B 255 -7.43 16.64 -15.40
C ASN B 255 -6.59 15.45 -14.98
N HIS B 256 -6.45 15.24 -13.67
CA HIS B 256 -5.63 14.16 -13.14
C HIS B 256 -6.40 12.92 -12.74
N GLY B 257 -7.64 12.80 -13.23
CA GLY B 257 -8.41 11.56 -13.03
C GLY B 257 -9.36 11.49 -11.85
N TRP B 258 -9.57 12.61 -11.16
CA TRP B 258 -10.57 12.67 -10.11
C TRP B 258 -11.67 13.59 -10.56
N SER B 259 -12.65 13.00 -11.24
CA SER B 259 -13.83 13.75 -11.69
C SER B 259 -14.86 13.89 -10.58
N ASN B 260 -15.67 14.93 -10.70
CA ASN B 260 -16.79 15.19 -9.77
C ASN B 260 -16.30 15.36 -8.33
N ALA B 261 -15.16 16.01 -8.18
CA ALA B 261 -14.67 16.41 -6.86
C ALA B 261 -15.33 17.73 -6.46
N PHE B 262 -15.91 17.76 -5.27
CA PHE B 262 -16.53 18.98 -4.74
C PHE B 262 -15.84 19.45 -3.46
N PHE B 263 -16.31 20.59 -2.93
CA PHE B 263 -15.58 21.26 -1.86
C PHE B 263 -16.44 21.72 -0.70
N ILE B 264 -15.83 21.73 0.48
CA ILE B 264 -16.34 22.54 1.58
C ILE B 264 -15.26 23.52 2.01
N THR B 265 -15.68 24.67 2.53
CA THR B 265 -14.74 25.70 2.93
C THR B 265 -15.07 26.27 4.30
N ASP B 266 -14.09 26.21 5.18
CA ASP B 266 -14.20 26.77 6.53
C ASP B 266 -14.33 28.29 6.45
N GLN B 267 -15.35 28.83 7.11
CA GLN B 267 -15.50 30.27 7.24
C GLN B 267 -15.67 30.70 8.71
N GLY B 268 -15.39 29.76 9.63
CA GLY B 268 -15.57 29.99 11.06
C GLY B 268 -14.75 31.14 11.66
N ARG B 269 -13.66 31.51 10.99
CA ARG B 269 -12.83 32.65 11.44
C ARG B 269 -12.51 33.61 10.29
N SER B 270 -13.46 33.73 9.35
CA SER B 270 -13.25 34.50 8.12
C SER B 270 -14.13 35.75 8.02
N GLY B 271 -14.88 36.06 9.06
CA GLY B 271 -15.86 37.16 9.03
C GLY B 271 -15.32 38.56 8.80
N LYS B 272 -14.09 38.80 9.22
CA LYS B 272 -13.46 40.11 9.10
C LYS B 272 -12.32 40.05 8.10
N GLN B 273 -12.44 40.89 7.07
CA GLN B 273 -11.50 40.93 5.96
C GLN B 273 -11.19 42.39 5.63
N PRO B 274 -9.90 42.72 5.45
CA PRO B 274 -8.77 41.81 5.67
C PRO B 274 -8.60 41.46 7.15
N THR B 275 -7.85 40.41 7.40
CA THR B 275 -7.50 40.02 8.76
C THR B 275 -6.40 40.92 9.30
N GLY B 276 -5.95 40.64 10.51
CA GLY B 276 -4.78 41.32 11.06
C GLY B 276 -3.46 40.68 10.67
N GLN B 277 -3.49 39.72 9.74
CA GLN B 277 -2.25 39.08 9.29
C GLN B 277 -1.28 40.08 8.69
N GLN B 278 -0.03 40.00 9.12
CA GLN B 278 1.04 40.86 8.59
C GLN B 278 1.80 40.15 7.46
N GLN B 279 1.85 38.82 7.54
CA GLN B 279 2.29 38.00 6.42
C GLN B 279 1.28 36.86 6.27
N TRP B 280 1.05 36.44 5.04
CA TRP B 280 -0.02 35.48 4.75
C TRP B 280 0.21 34.15 5.43
N GLY B 281 1.47 33.76 5.56
CA GLY B 281 1.85 32.54 6.23
C GLY B 281 1.69 32.52 7.75
N ASP B 282 1.26 33.64 8.34
CA ASP B 282 1.02 33.69 9.78
C ASP B 282 -0.35 33.07 10.09
N TRP B 283 -0.32 31.92 10.75
CA TRP B 283 -1.51 31.07 10.91
C TRP B 283 -1.96 30.96 12.34
N CYS B 284 -1.10 31.33 13.29
CA CYS B 284 -1.41 31.08 14.70
C CYS B 284 -2.20 32.19 15.41
N ASN B 285 -3.39 31.83 15.90
CA ASN B 285 -4.25 32.75 16.69
C ASN B 285 -4.28 34.17 16.13
N VAL B 286 -4.63 34.29 14.85
CA VAL B 286 -4.52 35.58 14.14
C VAL B 286 -5.46 36.66 14.70
N ILE B 287 -4.90 37.83 14.97
CA ILE B 287 -5.69 38.97 15.48
C ILE B 287 -6.58 39.55 14.37
N GLY B 288 -7.62 40.26 14.77
CA GLY B 288 -8.47 40.96 13.81
C GLY B 288 -9.41 40.08 13.01
N THR B 289 -9.76 38.92 13.57
CA THR B 289 -10.63 37.97 12.89
C THR B 289 -12.01 37.91 13.56
N GLY B 290 -12.99 37.42 12.82
CA GLY B 290 -14.34 37.22 13.35
C GLY B 290 -15.02 35.99 12.81
N PHE B 291 -16.04 35.51 13.54
CA PHE B 291 -16.93 34.48 13.02
C PHE B 291 -17.46 34.94 11.67
N GLY B 292 -17.54 34.01 10.72
CA GLY B 292 -17.93 34.39 9.37
C GLY B 292 -19.22 33.77 8.88
N ILE B 293 -19.29 33.60 7.55
CA ILE B 293 -20.47 33.02 6.90
C ILE B 293 -20.94 31.78 7.65
N ARG B 294 -22.23 31.76 8.01
CA ARG B 294 -22.81 30.63 8.74
C ARG B 294 -22.85 29.40 7.83
N PRO B 295 -22.64 28.20 8.42
CA PRO B 295 -22.72 26.97 7.66
C PRO B 295 -24.03 26.90 6.86
N SER B 296 -23.92 26.65 5.56
CA SER B 296 -25.09 26.58 4.71
C SER B 296 -24.72 25.90 3.41
N ALA B 297 -25.58 24.99 2.96
CA ALA B 297 -25.41 24.33 1.66
C ALA B 297 -25.83 25.25 0.50
N ASN B 298 -26.44 26.39 0.81
CA ASN B 298 -26.85 27.35 -0.23
C ASN B 298 -25.69 28.31 -0.55
N THR B 299 -24.82 27.85 -1.45
CA THR B 299 -23.53 28.51 -1.68
C THR B 299 -23.53 29.43 -2.88
N GLY B 300 -24.50 29.24 -3.78
CA GLY B 300 -24.52 29.99 -5.04
C GLY B 300 -23.24 29.78 -5.82
N ASP B 301 -22.68 28.57 -5.71
CA ASP B 301 -21.40 28.23 -6.29
C ASP B 301 -21.39 26.80 -6.81
N SER B 302 -20.78 26.60 -7.98
CA SER B 302 -20.89 25.30 -8.67
C SER B 302 -20.10 24.18 -8.02
N LEU B 303 -19.05 24.53 -7.27
CA LEU B 303 -18.16 23.53 -6.70
C LEU B 303 -18.31 23.39 -5.19
N LEU B 304 -18.88 24.41 -4.56
CA LEU B 304 -18.96 24.43 -3.11
C LEU B 304 -20.23 23.74 -2.57
N ASP B 305 -20.03 22.58 -1.94
CA ASP B 305 -21.12 21.81 -1.34
C ASP B 305 -21.72 22.57 -0.16
N SER B 306 -20.87 23.23 0.63
CA SER B 306 -21.34 23.95 1.83
C SER B 306 -20.28 24.89 2.36
N PHE B 307 -20.74 26.00 2.92
CA PHE B 307 -19.93 26.76 3.86
C PHE B 307 -19.97 25.95 5.14
N VAL B 308 -18.82 25.83 5.79
CA VAL B 308 -18.72 25.08 7.03
C VAL B 308 -17.90 25.84 8.06
N TRP B 309 -18.03 25.44 9.32
CA TRP B 309 -17.16 25.87 10.41
C TRP B 309 -16.40 24.67 10.86
N VAL B 310 -15.14 24.53 10.43
CA VAL B 310 -14.38 23.32 10.76
C VAL B 310 -13.62 23.53 12.05
N LYS B 311 -12.70 24.49 12.05
CA LYS B 311 -12.00 24.89 13.27
C LYS B 311 -12.98 25.62 14.20
N PRO B 312 -13.20 25.10 15.44
CA PRO B 312 -14.16 25.76 16.33
C PRO B 312 -13.54 27.01 16.97
N GLY B 313 -14.03 28.18 16.59
CA GLY B 313 -13.44 29.45 17.02
C GLY B 313 -13.48 29.62 18.52
N GLY B 314 -12.32 29.93 19.11
CA GLY B 314 -12.19 29.97 20.57
C GLY B 314 -11.24 28.88 21.04
N GLU B 315 -11.16 27.79 20.29
CA GLU B 315 -10.16 26.75 20.54
C GLU B 315 -8.82 27.19 19.98
N CYS B 316 -7.81 27.21 20.84
CA CYS B 316 -6.53 27.81 20.50
C CYS B 316 -5.79 27.07 19.38
N ASP B 317 -4.92 27.79 18.66
CA ASP B 317 -4.06 27.20 17.63
C ASP B 317 -2.70 26.75 18.15
N GLY B 318 -2.31 27.24 19.32
CA GLY B 318 -1.00 26.91 19.86
C GLY B 318 -0.57 27.87 20.94
N THR B 319 0.28 27.39 21.85
CA THR B 319 0.72 28.23 22.96
C THR B 319 1.72 29.30 22.53
N SER B 320 1.64 30.46 23.16
CA SER B 320 2.61 31.54 22.94
C SER B 320 3.73 31.52 23.97
N ASP B 321 3.68 30.54 24.88
CA ASP B 321 4.63 30.44 26.00
C ASP B 321 5.90 29.72 25.56
N SER B 322 6.96 30.49 25.32
CA SER B 322 8.24 29.95 24.84
C SER B 322 8.84 28.89 25.78
N SER B 323 8.47 28.95 27.05
CA SER B 323 8.95 28.00 28.05
C SER B 323 8.11 26.72 28.12
N ALA B 324 7.01 26.67 27.37
CA ALA B 324 6.08 25.54 27.45
C ALA B 324 6.35 24.53 26.34
N PRO B 325 5.87 23.27 26.51
CA PRO B 325 5.92 22.28 25.43
C PRO B 325 5.09 22.73 24.24
N ARG B 326 5.51 22.32 23.05
CA ARG B 326 4.77 22.57 21.80
C ARG B 326 4.70 24.06 21.45
N PHE B 327 5.70 24.82 21.86
CA PHE B 327 5.83 26.20 21.45
C PHE B 327 6.33 26.32 20.02
N ASP B 328 5.55 27.01 19.20
CA ASP B 328 5.90 27.31 17.83
C ASP B 328 6.00 28.83 17.72
N SER B 329 7.11 29.30 17.14
CA SER B 329 7.38 30.74 17.08
C SER B 329 6.28 31.56 16.41
N HIS B 330 5.51 30.94 15.51
CA HIS B 330 4.39 31.60 14.85
C HIS B 330 3.39 32.14 15.82
N CYS B 331 3.30 31.49 16.98
CA CYS B 331 2.31 31.85 17.99
C CYS B 331 2.74 33.02 18.88
N ALA B 332 3.95 33.52 18.62
CA ALA B 332 4.49 34.66 19.36
C ALA B 332 4.69 35.87 18.45
N LEU B 333 4.23 35.76 17.20
CA LEU B 333 4.38 36.84 16.23
C LEU B 333 3.49 38.04 16.58
N PRO B 334 3.83 39.25 16.07
CA PRO B 334 3.02 40.46 16.29
C PRO B 334 1.52 40.31 16.02
N ASP B 335 1.15 39.48 15.04
CA ASP B 335 -0.26 39.31 14.70
C ASP B 335 -0.92 38.08 15.35
N ALA B 336 -0.23 37.46 16.31
CA ALA B 336 -0.80 36.35 17.07
C ALA B 336 -1.33 36.83 18.42
N LEU B 337 -2.58 36.51 18.74
CA LEU B 337 -3.16 36.93 20.01
C LEU B 337 -2.46 36.28 21.20
N GLN B 338 -2.09 37.09 22.18
CA GLN B 338 -1.29 36.63 23.31
C GLN B 338 -1.78 37.20 24.64
N PRO B 339 -1.59 36.45 25.74
CA PRO B 339 -0.96 35.13 25.79
C PRO B 339 -1.95 34.01 25.46
N ALA B 340 -1.43 32.96 24.83
CA ALA B 340 -2.26 31.87 24.29
C ALA B 340 -1.97 30.54 24.99
N PRO B 341 -3.02 29.77 25.29
CA PRO B 341 -2.85 28.47 25.92
C PRO B 341 -2.44 27.42 24.89
N GLN B 342 -2.36 26.16 25.31
CA GLN B 342 -2.05 25.06 24.39
C GLN B 342 -3.06 24.96 23.23
N ALA B 343 -2.59 24.48 22.08
CA ALA B 343 -3.47 24.19 20.95
C ALA B 343 -4.62 23.31 21.41
N GLY B 344 -5.84 23.69 21.05
CA GLY B 344 -7.02 22.93 21.42
C GLY B 344 -7.70 23.42 22.69
N ALA B 345 -6.94 24.03 23.59
CA ALA B 345 -7.49 24.54 24.85
C ALA B 345 -8.33 25.78 24.59
N TRP B 346 -9.28 26.05 25.49
CA TRP B 346 -10.10 27.24 25.36
C TRP B 346 -9.31 28.51 25.49
N PHE B 347 -9.46 29.40 24.51
CA PHE B 347 -8.75 30.67 24.48
C PHE B 347 -9.82 31.77 24.56
N GLN B 348 -10.17 32.18 25.78
CA GLN B 348 -11.29 33.09 25.99
C GLN B 348 -11.18 34.43 25.26
N ALA B 349 -10.02 35.09 25.37
CA ALA B 349 -9.82 36.38 24.69
C ALA B 349 -10.06 36.21 23.20
N TYR B 350 -9.68 35.06 22.66
CA TYR B 350 -9.87 34.84 21.23
C TYR B 350 -11.34 34.65 20.87
N PHE B 351 -12.08 33.92 21.68
CA PHE B 351 -13.51 33.78 21.50
C PHE B 351 -14.18 35.16 21.49
N VAL B 352 -13.83 35.97 22.49
CA VAL B 352 -14.33 37.36 22.60
C VAL B 352 -14.04 38.16 21.34
N GLN B 353 -12.81 38.03 20.82
CA GLN B 353 -12.42 38.71 19.59
C GLN B 353 -13.28 38.27 18.40
N LEU B 354 -13.46 36.95 18.24
CA LEU B 354 -14.26 36.43 17.13
C LEU B 354 -15.73 36.87 17.22
N LEU B 355 -16.27 36.85 18.44
CA LEU B 355 -17.64 37.30 18.69
C LEU B 355 -17.81 38.78 18.37
N THR B 356 -16.87 39.60 18.85
CA THR B 356 -16.89 41.03 18.62
C THR B 356 -16.86 41.37 17.13
N ASN B 357 -16.03 40.66 16.37
CA ASN B 357 -15.78 40.95 14.97
C ASN B 357 -16.65 40.14 13.99
N ALA B 358 -17.61 39.38 14.53
CA ALA B 358 -18.43 38.48 13.74
C ALA B 358 -19.19 39.19 12.61
N ASN B 359 -19.16 38.59 11.43
CA ASN B 359 -19.91 39.07 10.28
C ASN B 359 -20.34 37.87 9.43
N PRO B 360 -21.66 37.53 9.43
CA PRO B 360 -22.76 38.27 10.08
C PRO B 360 -22.66 38.31 11.59
N SER B 361 -23.10 39.43 12.16
CA SER B 361 -23.02 39.69 13.59
C SER B 361 -23.92 38.78 14.42
N PHE B 362 -23.46 38.43 15.62
CA PHE B 362 -24.28 37.76 16.63
C PHE B 362 -24.90 38.79 17.57
N LEU B 363 -24.17 39.89 17.78
CA LEU B 363 -24.67 41.05 18.51
C LEU B 363 -25.66 41.83 17.64
C2 BGC C . -2.63 -25.44 -10.67
C3 BGC C . -1.57 -26.13 -9.83
C4 BGC C . -1.64 -25.73 -8.33
C5 BGC C . -3.10 -25.77 -7.82
C6 BGC C . -3.17 -25.24 -6.39
C1 BGC C . -4.02 -25.55 -10.00
O2 BGC C . -2.66 -26.07 -11.95
O3 BGC C . -0.28 -25.79 -10.36
O4 BGC C . -0.89 -26.67 -7.56
O5 BGC C . -3.94 -25.00 -8.67
O6 BGC C . -4.34 -25.74 -5.73
C2 BGC C . 0.88 -27.12 -6.03
C3 BGC C . 2.32 -26.81 -5.70
C4 BGC C . 3.21 -26.97 -6.95
C5 BGC C . 2.65 -26.09 -8.07
C6 BGC C . 3.39 -26.27 -9.40
C1 BGC C . 0.43 -26.24 -7.19
O2 BGC C . 0.05 -26.86 -4.86
O3 BGC C . 2.76 -27.70 -4.65
O4 BGC C . 4.52 -26.55 -6.61
O5 BGC C . 1.28 -26.45 -8.34
O6 BGC C . 2.91 -25.29 -10.35
C2 BGC D . 0.50 28.63 4.68
C3 BGC D . 0.35 28.23 6.15
C4 BGC D . 1.04 26.89 6.44
C5 BGC D . 2.47 26.96 5.97
C6 BGC D . 3.15 25.60 6.20
C1 BGC D . 1.98 28.58 4.26
O2 BGC D . -0.01 29.96 4.52
O3 BGC D . -1.04 28.15 6.46
O4 BGC D . 1.07 26.68 7.86
O5 BGC D . 2.54 27.29 4.57
O6 BGC D . 4.57 25.74 6.11
C2 BGC D . 0.58 25.24 9.73
C3 BGC D . -0.51 24.37 10.35
C4 BGC D . -1.85 25.14 10.36
C5 BGC D . -2.18 25.61 8.95
C6 BGC D . -3.49 26.41 8.94
C1 BGC D . 0.13 25.73 8.35
O2 BGC D . 1.80 24.49 9.60
O3 BGC D . -0.12 23.98 11.70
O4 BGC D . -2.89 24.27 10.82
O5 BGC D . -1.11 26.43 8.48
O6 BGC D . -3.77 26.91 7.62
C1 NAG E . 2.52 -5.28 5.25
C2 NAG E . 1.83 -6.62 5.09
C3 NAG E . 1.58 -7.22 6.48
C4 NAG E . 2.85 -7.24 7.32
C5 NAG E . 3.50 -5.86 7.34
C6 NAG E . 4.83 -5.85 8.10
C7 NAG E . 0.36 -6.85 3.10
C8 NAG E . -1.02 -6.60 2.54
N2 NAG E . 0.56 -6.48 4.38
O3 NAG E . 1.08 -8.54 6.35
O4 NAG E . 2.53 -7.67 8.63
O5 NAG E . 3.72 -5.41 6.01
O6 NAG E . 4.62 -6.19 9.45
O7 NAG E . 1.21 -7.36 2.39
C1 NAG F . 8.95 -18.85 -29.25
C2 NAG F . 9.15 -18.42 -30.70
C3 NAG F . 10.42 -19.04 -31.28
C4 NAG F . 11.63 -18.82 -30.38
C5 NAG F . 11.31 -19.08 -28.90
C6 NAG F . 12.44 -18.58 -28.00
C7 NAG F . 7.02 -17.93 -31.81
C8 NAG F . 5.89 -18.46 -32.63
N2 NAG F . 7.99 -18.79 -31.50
O3 NAG F . 10.67 -18.45 -32.54
O4 NAG F . 12.68 -19.69 -30.75
O5 NAG F . 10.09 -18.45 -28.51
O6 NAG F . 12.54 -17.18 -28.00
O7 NAG F . 7.00 -16.75 -31.44
C1 MAN G . 25.23 -0.41 -10.32
C2 MAN G . 26.36 0.03 -11.26
C3 MAN G . 27.38 0.92 -10.55
C4 MAN G . 26.72 1.99 -9.67
C5 MAN G . 25.69 1.34 -8.74
C6 MAN G . 25.00 2.34 -7.80
O2 MAN G . 25.83 0.70 -12.38
O3 MAN G . 28.24 1.53 -11.48
O4 MAN G . 27.71 2.63 -8.91
O5 MAN G . 24.71 0.65 -9.52
O6 MAN G . 24.49 3.44 -8.51
C1 MAN H . 29.35 -14.58 -18.22
C2 MAN H . 29.49 -13.22 -18.89
C3 MAN H . 29.52 -13.33 -20.41
C4 MAN H . 30.40 -14.48 -20.93
C5 MAN H . 30.33 -15.74 -20.06
C6 MAN H . 31.49 -16.68 -20.38
O2 MAN H . 30.69 -12.63 -18.43
O3 MAN H . 29.98 -12.11 -20.96
O4 MAN H . 29.98 -14.80 -22.24
O5 MAN H . 30.38 -15.43 -18.68
O6 MAN H . 31.26 -17.90 -19.73
C1 MAN I . 27.45 -34.18 -4.82
C2 MAN I . 27.66 -35.54 -4.15
C3 MAN I . 26.42 -36.43 -4.32
C4 MAN I . 25.16 -35.71 -3.84
C5 MAN I . 25.05 -34.34 -4.51
C6 MAN I . 23.91 -33.52 -3.93
O2 MAN I . 27.92 -35.33 -2.78
O3 MAN I . 26.59 -37.66 -3.65
O4 MAN I . 24.02 -36.49 -4.14
O5 MAN I . 26.26 -33.61 -4.30
O6 MAN I . 24.26 -33.12 -2.62
C1 MAN J . 29.63 -33.94 -13.07
C2 MAN J . 29.18 -32.88 -14.06
C3 MAN J . 29.46 -33.28 -15.51
C4 MAN J . 30.92 -33.71 -15.66
C5 MAN J . 31.27 -34.78 -14.63
C6 MAN J . 32.75 -35.13 -14.68
O2 MAN J . 29.86 -31.68 -13.79
O3 MAN J . 29.17 -32.21 -16.37
O4 MAN J . 31.12 -34.22 -16.95
O5 MAN J . 30.98 -34.33 -13.31
O6 MAN J . 33.06 -35.92 -13.55
C1 MAN K . 29.43 -36.91 -7.25
C2 MAN K . 30.60 -36.30 -8.03
C3 MAN K . 31.85 -37.18 -7.96
C4 MAN K . 32.17 -37.63 -6.54
C5 MAN K . 30.92 -38.19 -5.84
C6 MAN K . 31.19 -38.45 -4.36
O2 MAN K . 30.89 -35.01 -7.52
O3 MAN K . 32.95 -36.49 -8.49
O4 MAN K . 33.17 -38.63 -6.58
O5 MAN K . 29.83 -37.28 -5.94
O6 MAN K . 30.09 -39.16 -3.83
C1 MAN L . 21.12 -45.30 -11.61
C2 MAN L . 21.22 -45.87 -10.19
C3 MAN L . 20.97 -47.38 -10.13
C4 MAN L . 19.77 -47.82 -10.96
C5 MAN L . 19.81 -47.18 -12.35
C6 MAN L . 18.56 -47.47 -13.18
O2 MAN L . 20.29 -45.23 -9.34
O3 MAN L . 20.81 -47.77 -8.79
O4 MAN L . 19.75 -49.23 -11.07
O5 MAN L . 19.95 -45.77 -12.27
O6 MAN L . 18.90 -47.49 -14.54
C1 MAN M . 29.07 -40.16 -24.75
C2 MAN M . 29.93 -41.19 -24.00
C3 MAN M . 31.37 -40.68 -23.90
C4 MAN M . 31.93 -40.25 -25.25
C5 MAN M . 30.93 -39.42 -26.09
C6 MAN M . 31.30 -39.34 -27.57
O2 MAN M . 29.91 -42.42 -24.68
O3 MAN M . 32.22 -41.64 -23.31
O4 MAN M . 33.10 -39.48 -24.99
O5 MAN M . 29.62 -39.97 -26.04
O6 MAN M . 32.58 -39.88 -27.84
C1 MAN N . 22.43 -0.38 -16.24
C2 MAN N . 22.86 0.09 -17.64
C3 MAN N . 21.91 -0.42 -18.73
C4 MAN N . 21.71 -1.93 -18.61
C5 MAN N . 21.30 -2.27 -17.18
C6 MAN N . 21.07 -3.78 -17.04
O2 MAN N . 24.16 -0.39 -17.92
O3 MAN N . 22.39 -0.10 -20.02
O4 MAN N . 20.70 -2.34 -19.50
O5 MAN N . 22.28 -1.80 -16.25
O6 MAN N . 20.78 -4.09 -15.70
C5 XZZ O . -7.80 -24.86 -12.93
CL XZZ O . -6.85 -22.83 -11.34
C6 XZZ O . -6.85 -24.41 -12.00
C7 XZZ O . -5.82 -25.22 -11.55
C2 XZZ O . -7.47 -28.73 -14.32
C3 XZZ O . -8.52 -27.97 -14.80
C4 XZZ O . -8.65 -26.67 -14.34
O2 XZZ O . -7.31 -30.00 -14.74
O1 XZZ O . -6.58 -28.27 -13.41
CM4 XZZ O . -9.71 -25.90 -14.84
C4A XZZ O . -7.73 -26.16 -13.41
C8A XZZ O . -6.68 -26.98 -12.95
C8 XZZ O . -5.74 -26.52 -12.04
O7 XZZ O . -4.93 -24.68 -10.66
C1 NAG P . -0.03 6.18 -5.55
C2 NAG P . 0.90 6.85 -4.52
C3 NAG P . 2.30 7.03 -5.12
C4 NAG P . 2.81 5.75 -5.80
C5 NAG P . 1.76 5.15 -6.73
C6 NAG P . 2.19 3.80 -7.32
C7 NAG P . -0.40 8.37 -3.07
C8 NAG P . -0.80 9.80 -2.88
N2 NAG P . 0.38 8.14 -4.13
O3 NAG P . 3.20 7.43 -4.11
O4 NAG P . 3.97 6.05 -6.53
O5 NAG P . 0.54 4.99 -6.03
O6 NAG P . 2.38 2.84 -6.29
O7 NAG P . -0.78 7.49 -2.28
C1 NAG Q . -20.24 36.19 -1.64
C2 NAG Q . -21.09 37.04 -2.57
C3 NAG Q . -22.32 37.54 -1.83
C4 NAG Q . -23.06 36.44 -1.08
C5 NAG Q . -22.08 35.53 -0.31
C6 NAG Q . -22.74 34.29 0.28
C7 NAG Q . -19.85 38.22 -4.33
C8 NAG Q . -19.08 39.48 -4.68
N2 NAG Q . -20.32 38.16 -3.08
O3 NAG Q . -23.18 38.14 -2.77
O4 NAG Q . -23.99 37.02 -0.18
O5 NAG Q . -21.01 35.12 -1.16
O6 NAG Q . -23.14 33.40 -0.76
O7 NAG Q . -20.00 37.35 -5.18
C1 MAN R . -28.60 6.33 -1.02
C2 MAN R . -30.05 6.59 -1.42
C3 MAN R . -30.91 5.34 -1.22
C4 MAN R . -30.25 4.09 -1.81
C5 MAN R . -28.77 3.97 -1.39
C6 MAN R . -28.06 2.81 -2.10
O2 MAN R . -30.08 7.02 -2.77
O3 MAN R . -32.18 5.50 -1.78
O4 MAN R . -30.95 2.97 -1.34
O5 MAN R . -28.09 5.17 -1.66
O6 MAN R . -28.07 3.03 -3.49
C1 MAN S . -32.49 19.52 8.60
C2 MAN S . -33.54 20.22 7.72
C3 MAN S . -34.29 21.28 8.54
C4 MAN S . -34.82 20.74 9.87
C5 MAN S . -33.87 19.79 10.61
C6 MAN S . -34.68 18.88 11.53
O2 MAN S . -34.41 19.24 7.20
O3 MAN S . -35.35 21.79 7.78
O4 MAN S . -35.09 21.84 10.73
O5 MAN S . -33.10 18.95 9.74
O6 MAN S . -33.85 17.93 12.14
C1 MAN T . -18.53 20.32 28.68
C2 MAN T . -18.15 20.59 30.14
C3 MAN T . -17.04 21.63 30.25
C4 MAN T . -15.86 21.30 29.33
C5 MAN T . -16.33 21.00 27.91
C6 MAN T . -15.19 20.50 27.03
O2 MAN T . -17.81 19.36 30.76
O3 MAN T . -16.59 21.76 31.58
O4 MAN T . -14.97 22.41 29.32
O5 MAN T . -17.38 20.03 27.91
O6 MAN T . -14.83 19.18 27.41
C1 MAN U . -24.59 25.88 26.52
C2 MAN U . -25.05 26.20 25.08
C3 MAN U . -25.75 27.55 24.99
C4 MAN U . -26.84 27.70 26.05
C5 MAN U . -26.31 27.28 27.43
C6 MAN U . -27.43 27.24 28.47
O2 MAN U . -25.90 25.17 24.64
O3 MAN U . -26.32 27.75 23.70
O4 MAN U . -27.22 29.06 26.10
O5 MAN U . -25.69 26.00 27.41
O6 MAN U . -26.89 26.82 29.70
C1 MAN V . -20.92 23.36 30.88
C2 MAN V . -22.45 23.33 30.85
C3 MAN V . -23.03 23.47 32.27
C4 MAN V . -22.40 22.47 33.24
C5 MAN V . -20.86 22.51 33.13
C6 MAN V . -20.23 21.40 33.95
O2 MAN V . -22.91 22.13 30.26
O3 MAN V . -24.43 23.34 32.26
O4 MAN V . -22.78 22.77 34.56
O5 MAN V . -20.42 22.39 31.79
O6 MAN V . -18.85 21.70 34.10
C1 MAN W . -13.81 33.62 31.72
C2 MAN W . -13.15 32.77 32.80
C3 MAN W . -12.50 33.63 33.89
C4 MAN W . -11.65 34.78 33.31
C5 MAN W . -12.42 35.51 32.20
C6 MAN W . -11.59 36.60 31.53
O2 MAN W . -12.20 31.91 32.20
O3 MAN W . -11.72 32.81 34.74
O4 MAN W . -11.34 35.70 34.33
O5 MAN W . -12.88 34.58 31.23
O6 MAN W . -12.48 37.53 30.95
C1 MAN X . -28.52 38.90 26.34
C2 MAN X . -28.73 38.78 27.86
C3 MAN X . -30.06 38.10 28.19
C4 MAN X . -31.23 38.74 27.42
C5 MAN X . -30.87 38.88 25.93
C6 MAN X . -31.95 39.65 25.17
O2 MAN X . -28.70 40.08 28.41
O3 MAN X . -30.34 38.16 29.57
O4 MAN X . -32.34 37.89 27.59
O5 MAN X . -29.64 39.56 25.78
O6 MAN X . -31.67 39.59 23.79
C5 XZZ Y . 3.98 30.82 0.53
CL XZZ Y . 3.40 28.18 0.41
C6 XZZ Y . 3.35 29.73 1.11
C7 XZZ Y . 2.66 29.84 2.32
C2 XZZ Y . 3.72 34.50 2.42
C3 XZZ Y . 4.44 34.42 1.23
C4 XZZ Y . 4.54 33.19 0.59
O2 XZZ Y . 3.62 35.70 3.06
O1 XZZ Y . 3.12 33.41 2.98
CM4 XZZ Y . 5.25 33.10 -0.61
C4A XZZ Y . 3.92 32.08 1.15
C8A XZZ Y . 3.20 32.19 2.36
C8 XZZ Y . 2.57 31.09 2.93
O7 XZZ Y . 2.03 28.68 2.84
C2 BGC Z . -5.51 21.15 17.81
C3 BGC Z . -6.55 20.12 18.25
C4 BGC Z . -7.95 20.74 18.24
C5 BGC Z . -8.22 21.43 16.89
C6 BGC Z . -9.56 22.16 16.88
C1 BGC Z . -5.89 21.69 16.44
O1 BGC Z . -4.89 22.58 15.94
O2 BGC Z . -4.23 20.53 17.78
O3 BGC Z . -6.22 19.65 19.56
O4 BGC Z . -8.91 19.72 18.49
O5 BGC Z . -7.16 22.33 16.54
O6 BGC Z . -9.58 23.19 17.85
#